data_9NRJ
#
_entry.id   9NRJ
#
_cell.length_a   1.00
_cell.length_b   1.00
_cell.length_c   1.00
_cell.angle_alpha   90.00
_cell.angle_beta   90.00
_cell.angle_gamma   90.00
#
_symmetry.space_group_name_H-M   'P 1'
#
loop_
_entity.id
_entity.type
_entity.pdbx_description
1 polymer 'M1-specific T cell receptor alpha chain'
2 polymer 'M1-specific T cell receptor beta chain'
3 polymer 2C04
4 polymer TCE01
5 branched 2-acetamido-2-deoxy-beta-D-glucopyranose-(1-4)-[alpha-L-fucopyranose-(1-6)]2-acetamido-2-deoxy-beta-D-glucopyranose
6 branched beta-D-mannopyranose-(1-4)-2-acetamido-2-deoxy-beta-D-glucopyranose-(1-4)-2-acetamido-2-deoxy-beta-D-glucopyranose
7 branched 2-acetamido-2-deoxy-beta-D-glucopyranose-(1-4)-2-acetamido-2-deoxy-beta-D-glucopyranose
#
loop_
_entity_poly.entity_id
_entity_poly.type
_entity_poly.pdbx_seq_one_letter_code
_entity_poly.pdbx_strand_id
1 'polypeptide(L)'
;QLLEQSPQFLSIQEGENLTVYCNSSSVFSSLQWYRQEPGEGPVLLVTVVTGGEVKKLKRLTFQFGDARKDSSLHITAAQP
GDTGLYLCAGAGSQGNLIFGKGTKLSVKPNIQNPDPAVYQLRDSKSSDKSVCLFTDFDSQTNVSQSKDSDVYITDKCVLD
MRSMDFKSNSAVAWSNKSDFACANAFNNSIIPEDTFFPS
;
A
2 'polypeptide(L)'
;DGGITQSPKYLFRKEGQNVTLSCEQNLNHDAMYWYRQDPGQGLRLIYYSQIVNDFQKGDIAEGYSVSREKKESFPLTVTS
AQKNPTAFYLCASSSRSSYEQYFGPGTRLTVTEDLKNVFPPEVAVFEPSEAEISHTQKATLVCLATGFYPDHVELSWWVN
GKEVHSGVCTDPQPLKEQPALNDSRYSLSSRLRVSATFWQNPRNHFRCQVQFYGLSENDEWTQDRAKPVTQIVSAEAWGR
AD
;
B
3 'polypeptide(L)'
;VQLVESGGGLVQAGGSLRLSCAASGSIVGIHSVGWYRQVPGRQRELVATIVTDTGTHYRDFVKGRFTISRDIAKNTLYLQ
MNSLQPEDTAVYYCYFNLIRGRYWAQGTLVTVSS
;
C
4 'polypeptide(L)'
;DVQLVESGGGVVQPGGSLRLSCVASGYVHKINFYGWYRQAPGKEREKVAHISIGDQTDYADSAKGRFTISRDESKNTVYL
QMNSLRPEDTAAYYCRALSRIWPYDYWGQGTLVTVSS
;
T
#
# COMPACT_ATOMS: atom_id res chain seq x y z
N GLN A 1 26.85 7.79 13.51
CA GLN A 1 27.35 7.51 11.90
C GLN A 1 26.09 7.04 11.20
N LEU A 2 25.25 5.97 11.61
CA LEU A 2 23.76 5.81 11.48
C LEU A 2 22.92 6.98 11.95
N LEU A 3 22.00 7.32 11.14
CA LEU A 3 20.96 8.25 11.38
C LEU A 3 19.79 7.28 11.55
N GLU A 4 18.93 7.72 12.42
CA GLU A 4 17.71 6.99 12.68
C GLU A 4 16.64 7.99 12.37
N GLN A 5 15.73 7.38 11.61
CA GLN A 5 14.82 8.37 11.21
C GLN A 5 13.59 7.84 11.73
N SER A 6 12.86 8.82 12.22
CA SER A 6 11.79 8.27 12.96
C SER A 6 10.85 9.24 12.44
N PRO A 7 9.61 9.06 12.58
CA PRO A 7 8.92 7.87 12.43
C PRO A 7 9.54 6.81 11.51
N GLN A 8 8.96 5.56 11.61
CA GLN A 8 8.95 4.42 10.65
C GLN A 8 7.80 4.51 9.70
N PHE A 9 6.71 5.05 10.24
CA PHE A 9 5.64 5.41 9.33
C PHE A 9 4.85 6.56 9.82
N LEU A 10 4.28 7.27 8.93
CA LEU A 10 3.41 8.31 9.43
C LEU A 10 2.12 8.33 8.39
N SER A 11 1.00 8.49 8.91
CA SER A 11 -0.02 8.79 7.98
C SER A 11 -0.43 10.13 8.42
N ILE A 12 -1.21 10.73 7.59
CA ILE A 12 -1.84 11.98 7.87
C ILE A 12 -2.52 12.44 6.73
N GLN A 13 -3.40 13.22 7.17
CA GLN A 13 -4.44 13.40 6.22
C GLN A 13 -3.95 14.65 5.48
N GLU A 14 -4.47 14.73 4.24
CA GLU A 14 -4.41 15.90 3.37
C GLU A 14 -4.59 17.25 4.16
N GLY A 15 -3.56 18.11 4.01
CA GLY A 15 -3.64 19.47 4.45
C GLY A 15 -3.17 19.68 5.90
N GLU A 16 -3.10 18.62 6.58
CA GLU A 16 -2.53 18.76 7.86
C GLU A 16 -1.10 18.83 7.76
N ASN A 17 -0.62 19.22 8.76
CA ASN A 17 0.75 19.47 8.85
C ASN A 17 1.34 18.10 9.24
N LEU A 18 2.74 17.87 9.21
CA LEU A 18 3.59 16.85 9.92
C LEU A 18 5.02 16.95 9.94
N THR A 19 5.63 16.01 10.49
CA THR A 19 6.98 16.36 10.70
C THR A 19 7.70 15.07 10.87
N VAL A 20 8.99 15.04 10.54
CA VAL A 20 9.69 13.78 10.65
C VAL A 20 10.84 14.27 11.10
N TYR A 21 11.59 13.38 11.46
CA TYR A 21 12.77 13.87 12.20
C TYR A 21 13.82 12.81 12.07
N CYS A 22 15.03 13.20 12.30
CA CYS A 22 16.10 12.39 11.74
C CYS A 22 17.19 12.73 12.67
N ASN A 23 17.67 11.70 13.25
CA ASN A 23 18.53 12.25 14.26
C ASN A 23 19.75 11.36 14.31
N SER A 24 20.81 11.81 14.96
CA SER A 24 22.07 11.07 15.11
C SER A 24 22.88 11.68 16.23
N SER A 25 23.92 10.94 16.58
CA SER A 25 24.88 11.33 17.63
C SER A 25 26.24 11.30 16.98
N SER A 26 26.86 12.47 16.97
CA SER A 26 27.86 12.84 15.94
C SER A 26 27.22 13.88 15.00
N VAL A 27 27.88 15.00 14.73
CA VAL A 27 27.34 16.03 13.78
C VAL A 27 27.82 15.52 12.40
N PHE A 28 27.26 16.03 11.42
CA PHE A 28 27.45 15.90 10.01
C PHE A 28 27.35 17.31 9.52
N SER A 29 28.09 17.51 8.44
CA SER A 29 28.28 18.66 7.63
C SER A 29 27.03 19.06 6.94
N SER A 30 26.45 17.89 6.64
CA SER A 30 25.46 18.29 5.64
C SER A 30 24.39 17.33 5.82
N LEU A 31 23.23 17.82 5.26
CA LEU A 31 22.20 16.75 5.52
C LEU A 31 21.33 16.96 4.42
N GLN A 32 20.70 16.05 3.94
CA GLN A 32 20.18 16.20 2.59
C GLN A 32 18.89 15.37 2.73
N TRP A 33 18.11 15.42 1.70
CA TRP A 33 16.93 14.82 2.02
C TRP A 33 16.49 14.49 0.69
N TYR A 34 15.59 13.48 0.50
CA TYR A 34 15.09 12.80 -0.80
C TYR A 34 13.77 12.10 -0.78
N ARG A 35 13.05 12.06 -1.78
CA ARG A 35 11.68 11.62 -1.50
C ARG A 35 11.92 10.58 -2.47
N GLN A 36 11.33 9.40 -2.38
CA GLN A 36 11.66 8.32 -3.37
C GLN A 36 10.39 7.58 -3.49
N GLU A 37 9.76 7.69 -4.69
CA GLU A 37 8.38 7.17 -4.94
C GLU A 37 8.55 5.98 -5.82
N PRO A 38 7.86 4.88 -5.56
CA PRO A 38 8.43 3.49 -5.83
C PRO A 38 8.85 3.06 -7.29
N GLY A 39 10.21 2.86 -7.57
CA GLY A 39 10.88 2.55 -8.81
C GLY A 39 11.27 3.85 -9.57
N GLU A 40 11.20 4.95 -8.82
CA GLU A 40 12.07 6.01 -9.31
C GLU A 40 13.07 6.24 -8.22
N GLY A 41 14.30 6.64 -8.53
CA GLY A 41 15.09 6.64 -7.29
C GLY A 41 15.13 8.00 -6.62
N PRO A 42 15.64 8.09 -5.45
CA PRO A 42 15.67 9.27 -4.57
C PRO A 42 16.18 10.76 -4.96
N VAL A 43 15.31 11.72 -4.99
CA VAL A 43 15.30 12.92 -5.85
C VAL A 43 15.59 13.81 -4.83
N LEU A 44 16.47 14.71 -5.11
CA LEU A 44 17.02 15.43 -3.98
C LEU A 44 16.00 16.53 -3.84
N LEU A 45 15.78 16.81 -2.55
CA LEU A 45 14.75 17.74 -2.03
C LEU A 45 15.51 18.88 -1.49
N VAL A 46 16.57 18.66 -0.89
CA VAL A 46 17.13 19.96 -0.75
C VAL A 46 18.30 19.64 -0.04
N THR A 47 19.08 20.57 0.30
CA THR A 47 20.34 20.11 0.84
C THR A 47 20.41 21.24 1.75
N VAL A 48 20.61 20.89 3.01
CA VAL A 48 20.78 21.95 3.92
C VAL A 48 22.23 21.86 4.34
N VAL A 49 22.73 23.09 4.73
CA VAL A 49 24.16 23.16 5.12
C VAL A 49 24.39 23.69 6.51
N THR A 50 23.86 24.98 6.69
CA THR A 50 24.35 25.67 7.89
C THR A 50 23.47 25.30 9.07
N GLY A 51 23.92 25.51 10.32
CA GLY A 51 23.17 25.34 11.56
C GLY A 51 21.97 26.28 11.74
N GLY A 52 20.90 25.78 12.45
CA GLY A 52 19.52 26.21 12.39
C GLY A 52 18.92 26.67 11.02
N GLU A 53 19.57 26.36 9.98
CA GLU A 53 19.18 27.01 8.79
C GLU A 53 17.84 26.43 8.48
N VAL A 54 17.16 27.19 7.77
CA VAL A 54 15.85 26.78 7.30
C VAL A 54 15.82 27.13 5.87
N LYS A 55 15.48 26.22 5.08
CA LYS A 55 15.00 26.51 3.75
C LYS A 55 13.61 26.08 3.80
N LYS A 56 13.05 26.78 3.02
CA LYS A 56 11.78 26.41 2.63
C LYS A 56 11.93 26.30 1.11
N LEU A 57 11.31 25.36 0.55
CA LEU A 57 11.32 25.04 -0.85
C LEU A 57 9.96 24.51 -0.95
N LYS A 58 9.08 25.41 -1.10
CA LYS A 58 7.67 25.14 -1.33
C LYS A 58 7.13 24.70 0.03
N ARG A 59 6.25 23.68 -0.02
CA ARG A 59 5.50 23.22 1.13
C ARG A 59 6.50 22.85 2.28
N LEU A 60 7.61 22.34 1.93
CA LEU A 60 8.65 21.69 2.76
C LEU A 60 9.42 22.84 3.32
N THR A 61 9.71 22.65 4.46
CA THR A 61 10.52 23.46 5.30
C THR A 61 11.41 22.62 6.22
N PHE A 62 12.55 22.93 6.29
CA PHE A 62 13.50 21.92 6.57
C PHE A 62 14.53 22.65 7.36
N GLN A 63 14.95 21.99 8.32
CA GLN A 63 15.61 22.73 9.30
C GLN A 63 16.56 21.86 9.93
N PHE A 64 17.67 22.46 9.91
CA PHE A 64 18.80 21.78 10.38
C PHE A 64 18.94 22.20 11.84
N GLY A 65 19.37 21.23 12.65
CA GLY A 65 19.91 21.41 14.00
C GLY A 65 20.81 22.66 14.22
N ASP A 66 20.86 23.20 15.41
CA ASP A 66 21.81 24.23 15.71
C ASP A 66 23.21 23.61 15.82
N ALA A 67 23.34 22.35 16.39
CA ALA A 67 24.76 21.91 16.36
C ALA A 67 24.88 20.90 15.25
N ARG A 68 23.90 20.91 14.36
CA ARG A 68 23.80 20.18 13.11
C ARG A 68 23.66 18.68 13.48
N LYS A 69 22.79 18.37 14.44
CA LYS A 69 22.68 17.07 15.06
C LYS A 69 21.52 16.19 14.52
N ASP A 70 20.53 16.73 13.86
CA ASP A 70 19.24 16.08 13.57
C ASP A 70 18.63 17.12 12.70
N SER A 71 17.63 16.84 12.05
CA SER A 71 17.07 17.78 11.08
C SER A 71 15.59 17.39 10.93
N SER A 72 14.72 18.19 10.32
CA SER A 72 13.33 17.94 10.67
C SER A 72 12.80 18.32 9.46
N LEU A 73 11.75 17.79 9.13
CA LEU A 73 11.43 18.17 7.73
C LEU A 73 10.00 18.33 7.89
N HIS A 74 9.61 19.50 7.93
CA HIS A 74 8.16 19.68 8.17
C HIS A 74 7.47 20.01 6.84
N ILE A 75 6.38 19.46 6.57
CA ILE A 75 5.58 19.97 5.47
C ILE A 75 4.25 20.38 5.85
N THR A 76 3.94 21.32 5.25
CA THR A 76 2.87 22.16 5.71
C THR A 76 1.94 21.71 4.61
N ALA A 77 0.86 21.12 5.02
CA ALA A 77 -0.18 20.86 4.03
C ALA A 77 0.42 19.86 3.14
N ALA A 78 -0.06 18.64 3.40
CA ALA A 78 0.43 17.57 2.63
C ALA A 78 -0.50 17.51 1.47
N GLN A 79 -0.12 16.81 0.44
CA GLN A 79 -0.98 16.59 -0.67
C GLN A 79 -0.79 15.15 -1.13
N PRO A 80 -1.67 14.62 -2.00
CA PRO A 80 -1.40 13.29 -2.36
C PRO A 80 0.06 13.12 -2.82
N GLY A 81 0.57 14.10 -3.55
CA GLY A 81 1.88 13.96 -4.22
C GLY A 81 2.98 13.92 -3.13
N ASP A 82 2.36 14.14 -1.90
CA ASP A 82 3.45 14.22 -1.02
C ASP A 82 3.77 12.82 -0.58
N THR A 83 2.94 11.85 -1.14
CA THR A 83 3.15 10.48 -0.70
C THR A 83 4.55 9.90 -0.94
N GLY A 84 5.23 9.18 0.00
CA GLY A 84 6.37 8.38 -0.50
C GLY A 84 7.39 8.37 0.60
N LEU A 85 8.60 7.89 0.40
CA LEU A 85 9.50 7.27 1.43
C LEU A 85 10.61 8.30 1.60
N TYR A 86 10.59 8.96 2.74
CA TYR A 86 11.42 10.19 2.77
C TYR A 86 12.82 10.21 3.32
N LEU A 87 13.59 9.62 2.58
CA LEU A 87 14.75 9.47 3.30
C LEU A 87 15.74 10.59 3.45
N CYS A 88 16.41 10.46 4.50
CA CYS A 88 17.34 11.53 5.02
C CYS A 88 18.49 10.95 4.38
N ALA A 89 19.55 11.73 4.29
CA ALA A 89 20.98 11.08 4.30
C ALA A 89 21.99 12.01 4.83
N GLY A 90 23.15 11.65 4.57
CA GLY A 90 24.27 12.49 5.03
C GLY A 90 25.58 11.90 4.53
N ALA A 91 26.63 12.68 4.56
CA ALA A 91 28.04 12.24 4.52
C ALA A 91 28.49 10.96 5.33
N GLY A 92 29.36 10.23 4.64
CA GLY A 92 29.64 8.85 4.86
C GLY A 92 30.76 8.94 5.85
N SER A 93 31.62 7.90 5.86
CA SER A 93 32.77 7.60 6.68
C SER A 93 33.98 7.32 5.80
N GLN A 94 33.93 7.95 4.64
CA GLN A 94 35.06 8.24 3.76
C GLN A 94 34.56 8.99 2.50
N GLY A 95 33.26 9.35 2.52
CA GLY A 95 32.40 9.50 1.36
C GLY A 95 31.85 8.12 1.05
N ASN A 96 30.78 7.78 1.73
CA ASN A 96 29.76 7.05 1.03
C ASN A 96 28.40 7.29 1.66
N LEU A 97 27.38 7.94 0.93
CA LEU A 97 26.33 8.44 1.70
C LEU A 97 25.66 7.42 2.70
N ILE A 98 25.08 7.88 3.89
CA ILE A 98 24.46 6.98 4.93
C ILE A 98 22.93 7.24 5.13
N PHE A 99 22.14 6.39 4.71
CA PHE A 99 20.80 6.64 4.74
C PHE A 99 20.17 6.28 6.10
N GLY A 100 19.21 7.15 6.46
CA GLY A 100 18.16 6.79 7.40
C GLY A 100 17.27 5.72 6.78
N LYS A 101 16.55 4.95 7.65
CA LYS A 101 15.46 4.07 7.19
C LYS A 101 14.22 4.77 6.50
N GLY A 102 14.12 6.05 6.85
CA GLY A 102 13.25 6.78 5.95
C GLY A 102 11.85 6.44 6.28
N THR A 103 11.15 7.62 6.40
CA THR A 103 9.75 7.72 6.86
C THR A 103 8.78 7.51 5.75
N LYS A 104 8.03 6.44 5.72
CA LYS A 104 7.02 6.42 4.67
C LYS A 104 5.84 7.21 5.10
N LEU A 105 5.82 8.39 4.75
CA LEU A 105 4.56 9.04 4.44
C LEU A 105 3.54 8.43 3.49
N SER A 106 2.39 8.59 4.09
CA SER A 106 1.36 8.25 3.32
C SER A 106 0.37 9.36 3.44
N VAL A 107 0.21 10.30 2.59
CA VAL A 107 -1.01 11.12 2.74
C VAL A 107 -2.31 10.70 2.02
N LYS A 108 -3.32 10.86 2.70
CA LYS A 108 -4.44 10.17 2.17
C LYS A 108 -5.18 11.24 1.87
N PRO A 109 -6.13 11.06 1.12
CA PRO A 109 -6.85 12.15 0.66
C PRO A 109 -8.05 12.53 1.47
N ASN A 110 -8.46 13.82 1.37
CA ASN A 110 -9.67 14.30 2.07
C ASN A 110 -10.82 14.06 1.15
N ILE A 111 -11.43 12.90 1.27
CA ILE A 111 -12.63 12.69 0.55
C ILE A 111 -13.77 13.32 1.30
N GLN A 112 -14.39 14.13 0.67
CA GLN A 112 -15.44 14.79 1.25
C GLN A 112 -16.50 14.37 0.28
N ASN A 113 -17.66 14.42 0.70
CA ASN A 113 -18.68 13.63 0.08
C ASN A 113 -18.37 12.11 -0.02
N PRO A 114 -17.79 11.33 1.00
CA PRO A 114 -17.82 9.91 0.94
C PRO A 114 -19.18 9.25 0.78
N ASP A 115 -19.18 8.22 -0.05
CA ASP A 115 -20.36 7.53 -0.47
C ASP A 115 -19.96 6.10 -0.54
N PRO A 116 -19.65 5.34 0.48
CA PRO A 116 -19.00 4.04 0.20
C PRO A 116 -20.09 3.17 -0.56
N ALA A 117 -19.68 2.35 -1.53
CA ALA A 117 -20.49 1.36 -2.14
C ALA A 117 -19.56 0.05 -2.50
N VAL A 118 -19.67 -1.32 -2.33
CA VAL A 118 -19.22 -2.19 -3.44
C VAL A 118 -20.26 -2.67 -4.59
N TYR A 119 -19.83 -2.69 -5.72
CA TYR A 119 -20.55 -3.04 -6.80
C TYR A 119 -19.97 -4.20 -7.60
N GLN A 120 -20.57 -5.16 -8.30
CA GLN A 120 -19.84 -6.17 -9.08
C GLN A 120 -19.75 -5.64 -10.52
N LEU A 121 -18.51 -5.78 -11.05
CA LEU A 121 -17.96 -5.55 -12.36
C LEU A 121 -18.18 -6.77 -13.26
N ARG A 122 -18.84 -6.65 -14.44
CA ARG A 122 -18.48 -7.90 -15.17
C ARG A 122 -18.84 -7.91 -16.61
N ASP A 123 -17.84 -8.91 -16.95
CA ASP A 123 -17.52 -8.89 -18.39
C ASP A 123 -18.49 -9.72 -19.24
N SER A 124 -18.50 -9.55 -20.60
CA SER A 124 -19.13 -10.45 -21.57
C SER A 124 -18.09 -11.07 -22.53
N LYS A 125 -16.83 -10.98 -22.09
CA LYS A 125 -15.67 -11.61 -22.76
C LYS A 125 -15.41 -12.94 -21.98
N SER A 126 -14.34 -13.66 -22.35
CA SER A 126 -13.73 -14.68 -21.50
C SER A 126 -12.70 -14.09 -20.51
N SER A 127 -12.97 -14.38 -19.23
CA SER A 127 -12.21 -14.54 -17.97
C SER A 127 -13.33 -14.87 -17.00
N ASP A 128 -12.99 -15.52 -15.90
CA ASP A 128 -14.00 -16.44 -15.21
C ASP A 128 -13.80 -15.98 -13.79
N LYS A 129 -13.48 -14.60 -13.78
CA LYS A 129 -13.26 -14.18 -12.35
C LYS A 129 -13.97 -12.93 -12.13
N SER A 130 -14.63 -12.96 -10.93
CA SER A 130 -15.62 -11.82 -11.28
C SER A 130 -15.25 -10.86 -10.16
N VAL A 131 -15.13 -9.49 -10.45
CA VAL A 131 -14.34 -8.86 -9.32
C VAL A 131 -15.48 -7.67 -9.18
N CYS A 132 -15.65 -7.43 -7.80
CA CYS A 132 -16.51 -6.56 -7.18
C CYS A 132 -15.64 -5.38 -6.73
N LEU A 133 -16.17 -4.17 -7.01
CA LEU A 133 -15.47 -2.95 -6.60
C LEU A 133 -15.98 -2.36 -5.35
N PHE A 134 -15.23 -2.22 -4.19
CA PHE A 134 -15.56 -1.30 -3.02
C PHE A 134 -14.82 0.02 -3.09
N THR A 135 -15.60 1.09 -3.23
CA THR A 135 -15.14 2.44 -3.62
C THR A 135 -15.89 3.48 -2.79
N ASP A 136 -15.34 4.64 -2.86
CA ASP A 136 -15.68 5.95 -2.43
C ASP A 136 -15.84 5.86 -0.95
N PHE A 137 -15.37 4.73 -0.44
CA PHE A 137 -15.65 5.17 0.88
C PHE A 137 -14.51 6.09 1.48
N ASP A 138 -14.39 6.40 2.84
CA ASP A 138 -13.52 7.39 3.58
C ASP A 138 -12.32 6.81 4.01
N SER A 139 -11.33 7.74 4.34
CA SER A 139 -9.95 7.27 4.19
C SER A 139 -9.68 6.56 5.46
N GLN A 140 -10.57 6.46 6.46
CA GLN A 140 -10.25 5.69 7.66
C GLN A 140 -10.74 4.25 7.66
N THR A 141 -11.33 3.82 6.53
CA THR A 141 -11.86 2.44 6.39
C THR A 141 -10.65 1.61 6.03
N ASN A 142 -10.45 0.59 6.75
CA ASN A 142 -9.34 -0.20 6.48
C ASN A 142 -9.87 -1.52 5.86
N VAL A 143 -9.62 -1.78 4.52
CA VAL A 143 -10.25 -2.92 3.80
C VAL A 143 -9.45 -4.23 3.90
N SER A 144 -9.63 -5.07 5.02
CA SER A 144 -8.96 -6.28 5.53
C SER A 144 -9.00 -7.23 4.29
N GLN A 145 -7.92 -8.06 4.04
CA GLN A 145 -7.92 -9.35 3.36
C GLN A 145 -9.01 -10.40 3.81
N SER A 146 -9.51 -11.26 2.87
CA SER A 146 -10.56 -12.27 3.06
C SER A 146 -10.05 -13.47 3.88
N LYS A 147 -11.01 -14.34 4.30
CA LYS A 147 -10.42 -15.55 4.89
C LYS A 147 -10.91 -16.67 3.97
N ASP A 148 -11.33 -16.37 2.70
CA ASP A 148 -11.29 -17.37 1.59
C ASP A 148 -10.00 -17.25 0.84
N SER A 149 -9.28 -18.31 0.54
CA SER A 149 -8.10 -17.97 -0.28
C SER A 149 -8.58 -18.17 -1.80
N ASP A 150 -9.28 -17.21 -2.35
CA ASP A 150 -9.68 -17.20 -3.69
C ASP A 150 -10.63 -15.99 -3.77
N VAL A 151 -10.29 -15.03 -2.58
CA VAL A 151 -10.62 -13.77 -2.96
C VAL A 151 -9.47 -12.88 -3.71
N TYR A 152 -8.53 -12.94 -2.57
CA TYR A 152 -8.04 -11.54 -3.04
C TYR A 152 -8.96 -10.17 -3.38
N ILE A 153 -8.38 -9.32 -2.39
CA ILE A 153 -8.81 -7.94 -2.46
C ILE A 153 -7.34 -7.39 -2.37
N THR A 154 -7.10 -6.25 -3.12
CA THR A 154 -6.16 -5.15 -3.57
C THR A 154 -5.92 -4.17 -2.44
N ASP A 155 -5.12 -3.18 -2.61
CA ASP A 155 -5.05 -2.32 -1.34
C ASP A 155 -5.60 -0.97 -1.69
N LYS A 156 -5.99 -0.12 -0.73
CA LYS A 156 -6.64 1.17 -1.13
C LYS A 156 -5.67 1.98 -2.02
N CYS A 157 -5.97 2.25 -3.26
CA CYS A 157 -5.24 3.34 -3.90
C CYS A 157 -6.09 4.62 -3.87
N VAL A 158 -5.29 5.77 -3.61
CA VAL A 158 -6.28 6.83 -4.21
C VAL A 158 -6.37 7.32 -5.68
N LEU A 159 -7.35 7.62 -6.36
CA LEU A 159 -7.26 8.19 -7.76
C LEU A 159 -7.23 9.69 -7.78
N ASP A 160 -6.65 10.42 -8.74
CA ASP A 160 -6.83 11.91 -8.79
C ASP A 160 -7.46 12.36 -10.12
N MET A 161 -8.72 12.38 -10.24
CA MET A 161 -9.49 12.30 -11.44
C MET A 161 -9.86 13.85 -11.49
N ARG A 162 -8.78 14.58 -11.93
CA ARG A 162 -8.61 16.03 -11.91
C ARG A 162 -9.63 16.67 -12.85
N SER A 163 -9.90 17.85 -12.45
CA SER A 163 -10.72 18.59 -13.44
C SER A 163 -12.20 18.47 -13.05
N MET A 164 -12.34 17.69 -11.96
CA MET A 164 -13.57 17.56 -11.14
C MET A 164 -13.00 17.74 -9.71
N ASP A 165 -11.64 17.57 -9.54
CA ASP A 165 -10.78 17.69 -8.33
C ASP A 165 -11.20 16.69 -7.29
N PHE A 166 -11.45 15.41 -7.74
CA PHE A 166 -12.12 14.27 -7.08
C PHE A 166 -11.08 13.23 -6.88
N LYS A 167 -10.89 13.05 -5.69
CA LYS A 167 -10.09 12.01 -5.44
C LYS A 167 -10.86 10.92 -4.73
N SER A 168 -10.43 9.60 -4.69
CA SER A 168 -11.46 8.58 -4.40
C SER A 168 -10.93 7.32 -4.00
N ASN A 169 -11.24 6.92 -2.73
CA ASN A 169 -10.47 5.75 -2.38
C ASN A 169 -11.04 4.50 -3.06
N SER A 170 -10.18 3.51 -3.43
CA SER A 170 -10.65 2.17 -3.95
C SER A 170 -9.89 0.96 -3.40
N ALA A 171 -10.55 -0.09 -3.45
CA ALA A 171 -9.94 -1.36 -3.61
C ALA A 171 -10.91 -2.21 -4.48
N VAL A 172 -10.33 -3.18 -5.17
CA VAL A 172 -10.99 -4.32 -5.88
C VAL A 172 -10.48 -5.66 -5.23
N ALA A 173 -11.39 -6.62 -5.17
CA ALA A 173 -11.14 -8.07 -4.61
C ALA A 173 -12.14 -8.50 -5.83
N TRP A 174 -11.96 -9.77 -6.04
CA TRP A 174 -12.08 -10.86 -6.98
C TRP A 174 -11.62 -12.03 -6.15
N SER A 175 -12.09 -13.08 -6.66
CA SER A 175 -11.86 -14.38 -6.14
C SER A 175 -12.32 -15.18 -7.36
N ASN A 176 -11.53 -16.36 -7.08
CA ASN A 176 -11.22 -17.26 -8.17
C ASN A 176 -12.57 -17.90 -8.33
N LYS A 177 -12.86 -18.25 -9.62
CA LYS A 177 -14.32 -18.39 -9.49
C LYS A 177 -14.83 -19.06 -8.06
N SER A 178 -14.34 -20.05 -7.39
CA SER A 178 -15.30 -20.13 -6.31
C SER A 178 -16.78 -20.27 -6.81
N ASP A 179 -18.01 -20.10 -6.19
CA ASP A 179 -19.22 -19.46 -6.84
C ASP A 179 -19.75 -18.33 -5.97
N PHE A 180 -19.00 -17.23 -6.03
CA PHE A 180 -19.11 -16.12 -5.11
C PHE A 180 -19.91 -14.96 -5.75
N ALA A 181 -20.52 -14.18 -4.84
CA ALA A 181 -21.45 -13.10 -5.19
C ALA A 181 -20.69 -12.00 -4.57
N CYS A 182 -21.31 -10.81 -4.69
CA CYS A 182 -20.74 -9.73 -3.94
C CYS A 182 -20.54 -9.53 -2.35
N ALA A 183 -21.63 -9.75 -1.70
CA ALA A 183 -21.64 -9.37 -0.31
C ALA A 183 -20.47 -9.73 0.64
N ASN A 184 -20.17 -10.88 0.35
CA ASN A 184 -19.62 -11.66 1.37
C ASN A 184 -18.12 -11.27 0.89
N ALA A 185 -17.97 -10.07 0.02
CA ALA A 185 -16.55 -10.21 -0.29
C ALA A 185 -15.63 -9.69 0.86
N PHE A 186 -16.44 -8.81 1.45
CA PHE A 186 -15.81 -7.90 2.37
C PHE A 186 -16.58 -8.01 3.68
N ASN A 187 -16.87 -9.24 3.94
CA ASN A 187 -17.25 -9.83 5.15
C ASN A 187 -15.97 -9.89 6.01
N ASN A 188 -14.73 -9.73 5.48
CA ASN A 188 -14.01 -9.66 6.68
C ASN A 188 -13.61 -8.32 7.13
N SER A 189 -13.78 -7.36 6.35
CA SER A 189 -13.38 -5.97 6.70
C SER A 189 -14.50 -5.32 7.59
N ILE A 190 -14.12 -4.32 8.42
CA ILE A 190 -15.16 -3.42 9.04
C ILE A 190 -15.67 -2.19 8.26
N ILE A 191 -16.82 -2.64 7.63
CA ILE A 191 -16.89 -1.72 6.65
C ILE A 191 -17.81 -0.66 7.13
N PRO A 192 -18.04 0.45 6.37
CA PRO A 192 -19.00 1.42 6.80
C PRO A 192 -20.45 0.98 6.88
N GLU A 193 -21.35 1.52 7.80
CA GLU A 193 -22.60 0.85 7.78
C GLU A 193 -23.58 1.51 6.96
N ASP A 194 -22.98 2.19 6.05
CA ASP A 194 -23.78 2.72 4.95
C ASP A 194 -23.26 2.40 3.55
N THR A 195 -22.92 1.13 3.31
CA THR A 195 -22.21 0.89 2.12
C THR A 195 -23.17 0.46 1.07
N PHE A 196 -23.38 1.13 -0.15
CA PHE A 196 -24.57 0.80 -0.93
C PHE A 196 -24.17 -0.32 -1.91
N PHE A 197 -24.78 -1.50 -1.59
CA PHE A 197 -24.55 -2.74 -2.35
C PHE A 197 -25.77 -2.80 -3.22
N PRO A 198 -25.70 -3.40 -4.31
CA PRO A 198 -26.52 -2.77 -5.24
C PRO A 198 -27.33 -4.08 -5.41
N SER A 199 -28.45 -4.38 -6.28
CA SER A 199 -29.28 -5.69 -6.19
C SER A 199 -28.69 -6.88 -7.13
N ASP B 1 16.58 11.47 -11.81
CA ASP B 1 17.16 12.56 -10.90
C ASP B 1 17.97 13.61 -11.68
N GLY B 2 19.24 13.25 -11.99
CA GLY B 2 20.25 14.01 -12.72
C GLY B 2 20.02 13.89 -14.24
N GLY B 3 21.13 13.71 -15.01
CA GLY B 3 21.16 13.31 -16.41
C GLY B 3 21.89 11.96 -16.42
N ILE B 4 21.72 11.02 -15.47
CA ILE B 4 22.50 9.80 -15.44
C ILE B 4 21.58 8.77 -16.11
N THR B 5 22.09 7.92 -17.02
CA THR B 5 21.26 6.81 -17.55
C THR B 5 21.79 5.38 -17.09
N GLN B 6 20.83 4.54 -16.66
CA GLN B 6 21.02 3.09 -16.54
C GLN B 6 19.76 2.40 -17.08
N SER B 7 20.08 1.27 -17.70
CA SER B 7 19.25 0.49 -18.59
C SER B 7 19.88 -0.95 -18.46
N PRO B 8 19.04 -1.94 -18.91
CA PRO B 8 17.69 -1.65 -19.58
C PRO B 8 16.66 -1.53 -18.53
N LYS B 9 15.40 -1.33 -18.78
CA LYS B 9 14.83 -0.90 -17.44
C LYS B 9 14.69 -2.08 -16.44
N TYR B 10 14.42 -3.34 -16.96
CA TYR B 10 14.09 -4.66 -16.30
C TYR B 10 15.05 -5.73 -16.74
N LEU B 11 15.48 -6.53 -15.89
CA LEU B 11 16.09 -7.52 -16.66
C LEU B 11 15.81 -8.91 -15.97
N PHE B 12 15.93 -10.12 -16.63
CA PHE B 12 15.44 -11.48 -16.21
C PHE B 12 16.48 -12.52 -16.54
N ARG B 13 16.64 -13.48 -15.76
CA ARG B 13 17.44 -14.48 -16.33
C ARG B 13 17.15 -15.70 -15.39
N LYS B 14 17.57 -16.98 -15.74
CA LYS B 14 17.68 -18.13 -14.84
C LYS B 14 18.95 -18.08 -14.00
N GLU B 15 18.96 -19.08 -13.07
CA GLU B 15 19.63 -18.61 -11.83
C GLU B 15 20.90 -19.12 -12.36
N GLY B 16 22.08 -18.65 -11.89
CA GLY B 16 23.30 -19.25 -12.44
C GLY B 16 23.52 -18.89 -13.90
N GLN B 17 23.21 -17.75 -14.20
CA GLN B 17 23.66 -17.15 -15.45
C GLN B 17 24.20 -15.84 -14.79
N ASN B 18 25.43 -15.49 -14.90
CA ASN B 18 25.79 -14.15 -14.91
C ASN B 18 24.95 -13.13 -15.72
N VAL B 19 24.72 -11.81 -15.22
CA VAL B 19 24.53 -10.60 -16.06
C VAL B 19 25.09 -9.16 -15.64
N THR B 20 25.67 -8.30 -16.56
CA THR B 20 26.15 -6.91 -16.37
C THR B 20 25.05 -5.83 -16.50
N LEU B 21 24.89 -4.89 -15.49
CA LEU B 21 23.99 -3.75 -15.50
C LEU B 21 24.85 -2.51 -15.67
N SER B 22 24.23 -1.91 -16.67
CA SER B 22 25.04 -0.89 -17.25
C SER B 22 24.56 0.37 -16.64
N CYS B 23 25.45 1.33 -16.51
CA CYS B 23 25.26 2.74 -16.15
C CYS B 23 26.23 3.58 -17.00
N GLU B 24 25.76 4.66 -17.68
CA GLU B 24 26.71 5.66 -18.12
C GLU B 24 26.16 7.09 -17.68
N GLN B 25 27.04 8.11 -17.34
CA GLN B 25 26.64 9.49 -16.97
C GLN B 25 27.40 10.55 -17.75
N ASN B 26 26.57 11.51 -18.22
CA ASN B 26 26.93 12.58 -19.11
C ASN B 26 27.29 13.78 -18.33
N LEU B 27 27.08 13.75 -17.05
CA LEU B 27 27.53 14.92 -16.29
C LEU B 27 28.85 14.38 -15.77
N ASN B 28 29.71 15.27 -15.44
CA ASN B 28 30.98 14.70 -15.01
C ASN B 28 30.70 14.67 -13.48
N HIS B 29 30.96 13.57 -12.89
CA HIS B 29 30.94 13.42 -11.52
C HIS B 29 31.91 12.26 -11.36
N ASP B 30 32.40 12.09 -10.21
CA ASP B 30 33.59 11.33 -9.93
C ASP B 30 33.21 10.09 -9.12
N ALA B 31 32.27 10.16 -8.09
CA ALA B 31 31.98 8.92 -7.31
C ALA B 31 30.73 8.30 -7.98
N MET B 32 30.78 7.00 -8.24
CA MET B 32 29.70 6.33 -8.72
C MET B 32 29.37 5.26 -7.66
N TYR B 33 28.03 4.97 -7.65
CA TYR B 33 27.46 4.16 -6.59
C TYR B 33 26.26 3.46 -7.13
N TRP B 34 25.98 2.16 -6.77
CA TRP B 34 24.87 1.27 -7.09
C TRP B 34 24.33 0.61 -5.83
N TYR B 35 22.91 0.54 -5.96
CA TYR B 35 21.94 0.42 -4.89
C TYR B 35 21.16 -0.74 -4.85
N ARG B 36 21.21 -1.88 -4.00
CA ARG B 36 19.94 -2.74 -4.16
C ARG B 36 18.83 -2.38 -3.14
N GLN B 37 17.61 -2.44 -3.53
CA GLN B 37 16.88 -1.76 -2.50
C GLN B 37 15.93 -2.85 -2.49
N ASP B 38 15.75 -3.54 -1.41
CA ASP B 38 15.03 -4.85 -1.52
C ASP B 38 13.62 -4.38 -1.20
N PRO B 39 12.49 -5.10 -1.47
CA PRO B 39 11.16 -4.53 -1.30
C PRO B 39 10.92 -4.18 0.17
N GLY B 40 10.82 -2.82 0.34
CA GLY B 40 10.15 -2.05 1.33
C GLY B 40 11.15 -2.07 2.38
N GLN B 41 12.16 -1.85 1.89
CA GLN B 41 13.20 -1.38 2.67
C GLN B 41 13.73 -0.10 1.99
N GLY B 42 14.88 0.28 2.68
CA GLY B 42 15.92 1.29 2.50
C GLY B 42 16.89 0.82 1.43
N LEU B 43 18.00 1.64 1.23
CA LEU B 43 18.92 1.32 0.12
C LEU B 43 20.09 0.59 0.79
N ARG B 44 20.58 -0.52 0.35
CA ARG B 44 21.95 -0.67 0.57
C ARG B 44 22.90 -0.22 -0.67
N LEU B 45 24.08 0.38 -0.38
CA LEU B 45 25.08 0.70 -1.35
C LEU B 45 26.05 -0.60 -1.33
N ILE B 46 26.20 -1.06 -2.58
CA ILE B 46 26.90 -2.32 -2.92
C ILE B 46 28.25 -1.89 -3.23
N TYR B 47 28.38 -1.32 -4.53
CA TYR B 47 29.81 -0.91 -4.42
C TYR B 47 29.56 0.60 -4.93
N TYR B 48 30.55 1.35 -4.46
CA TYR B 48 30.69 2.65 -5.07
C TYR B 48 32.24 2.29 -5.61
N SER B 49 32.44 3.44 -6.58
CA SER B 49 33.82 3.77 -7.06
C SER B 49 33.96 5.31 -7.08
N GLN B 50 34.77 5.82 -6.18
CA GLN B 50 34.98 7.26 -6.00
C GLN B 50 35.47 7.82 -7.33
N ILE B 51 36.63 7.43 -7.95
CA ILE B 51 37.28 7.94 -9.18
C ILE B 51 37.90 6.73 -9.76
N VAL B 52 38.80 6.92 -10.77
CA VAL B 52 38.77 5.86 -11.77
C VAL B 52 39.89 4.86 -11.53
N ASN B 53 39.64 3.54 -11.76
CA ASN B 53 40.31 2.34 -11.27
C ASN B 53 40.27 2.10 -9.73
N ASP B 54 39.90 3.17 -8.98
CA ASP B 54 39.61 2.97 -7.58
C ASP B 54 38.11 2.44 -7.51
N PHE B 55 37.98 1.37 -6.75
CA PHE B 55 36.75 0.86 -6.31
C PHE B 55 36.90 0.17 -4.93
N GLN B 56 35.87 0.30 -4.06
CA GLN B 56 35.97 -0.20 -2.64
C GLN B 56 34.47 -0.51 -2.38
N LYS B 57 34.60 -1.52 -1.36
CA LYS B 57 33.33 -2.21 -1.06
C LYS B 57 32.28 -1.37 -0.40
N GLY B 58 30.99 -1.74 -0.66
CA GLY B 58 29.86 -1.22 0.07
C GLY B 58 29.43 -2.13 1.20
N ASP B 59 28.21 -1.82 1.68
CA ASP B 59 27.67 -2.37 2.89
C ASP B 59 27.39 -3.77 2.42
N ILE B 60 26.75 -3.81 1.21
CA ILE B 60 26.62 -5.28 0.77
C ILE B 60 27.55 -5.46 -0.45
N ALA B 61 27.74 -6.84 -1.00
CA ALA B 61 28.76 -6.71 -2.10
C ALA B 61 29.38 -8.04 -2.27
N GLU B 62 28.88 -8.96 -1.45
CA GLU B 62 29.48 -10.32 -1.60
C GLU B 62 28.85 -11.14 -2.68
N GLY B 63 29.55 -11.58 -3.69
CA GLY B 63 28.64 -12.11 -4.66
C GLY B 63 28.38 -11.16 -5.84
N TYR B 64 28.86 -9.92 -5.95
CA TYR B 64 28.87 -9.24 -7.29
C TYR B 64 30.32 -8.69 -7.51
N SER B 65 30.51 -7.98 -8.65
CA SER B 65 31.76 -7.29 -9.10
C SER B 65 31.41 -6.04 -9.98
N VAL B 66 32.29 -5.01 -10.08
CA VAL B 66 32.08 -3.81 -10.99
C VAL B 66 33.58 -3.64 -11.07
N SER B 67 34.03 -3.10 -12.19
CA SER B 67 35.39 -2.87 -12.55
C SER B 67 35.25 -1.40 -12.84
N ARG B 68 36.22 -0.58 -12.55
CA ARG B 68 36.05 0.76 -13.09
C ARG B 68 37.19 1.00 -14.10
N GLU B 69 36.83 1.68 -15.20
CA GLU B 69 37.79 2.18 -16.25
C GLU B 69 36.75 3.17 -16.74
N LYS B 70 37.26 4.18 -17.43
CA LYS B 70 36.45 5.44 -17.41
C LYS B 70 35.89 6.24 -16.09
N LYS B 71 35.93 7.52 -15.83
CA LYS B 71 34.84 8.27 -15.31
C LYS B 71 33.46 8.43 -16.10
N GLU B 72 33.16 7.89 -17.26
CA GLU B 72 31.74 8.09 -17.56
C GLU B 72 30.97 6.73 -17.52
N SER B 73 31.57 5.57 -17.13
CA SER B 73 30.81 4.31 -17.10
C SER B 73 31.10 3.54 -15.82
N PHE B 74 29.95 3.00 -15.37
CA PHE B 74 29.92 2.05 -14.34
C PHE B 74 29.16 0.69 -14.59
N PRO B 75 29.80 -0.48 -14.98
CA PRO B 75 29.28 -1.81 -14.95
C PRO B 75 29.14 -2.48 -13.55
N LEU B 76 27.85 -2.70 -13.00
CA LEU B 76 27.43 -3.59 -11.91
C LEU B 76 27.33 -4.91 -12.35
N THR B 77 28.09 -5.98 -11.95
CA THR B 77 27.61 -7.28 -12.54
C THR B 77 27.33 -8.32 -11.53
N VAL B 78 26.40 -9.25 -11.71
CA VAL B 78 25.99 -10.22 -10.64
C VAL B 78 26.47 -11.64 -11.02
N THR B 79 26.97 -12.33 -10.02
CA THR B 79 27.60 -13.62 -10.28
C THR B 79 27.01 -14.89 -9.64
N SER B 80 25.74 -14.62 -9.61
CA SER B 80 24.91 -15.81 -9.67
C SER B 80 25.37 -17.06 -8.94
N ALA B 81 24.10 -17.47 -8.51
CA ALA B 81 23.39 -18.32 -7.61
C ALA B 81 23.83 -17.98 -6.17
N GLN B 82 23.50 -16.74 -5.75
CA GLN B 82 24.19 -15.99 -4.68
C GLN B 82 23.47 -15.86 -3.28
N LYS B 83 22.15 -15.87 -3.24
CA LYS B 83 21.27 -15.20 -2.29
C LYS B 83 20.20 -14.41 -3.14
N ASN B 84 20.22 -15.06 -4.36
CA ASN B 84 19.04 -15.01 -5.12
C ASN B 84 18.85 -13.52 -5.23
N PRO B 85 19.71 -13.04 -6.11
CA PRO B 85 19.55 -11.70 -6.25
C PRO B 85 18.42 -11.56 -7.14
N THR B 86 17.49 -10.79 -6.56
CA THR B 86 16.80 -9.96 -7.49
C THR B 86 16.62 -8.84 -6.48
N ALA B 87 16.62 -7.56 -6.79
CA ALA B 87 15.97 -6.44 -5.98
C ALA B 87 15.81 -5.27 -7.00
N PHE B 88 15.76 -3.95 -6.51
CA PHE B 88 15.67 -2.91 -7.57
C PHE B 88 17.00 -2.28 -7.50
N TYR B 89 17.77 -2.30 -8.67
CA TYR B 89 19.14 -1.89 -8.93
C TYR B 89 19.45 -0.47 -9.15
N LEU B 90 20.01 0.40 -8.14
CA LEU B 90 19.89 1.75 -8.61
C LEU B 90 21.20 2.25 -8.49
N CYS B 91 21.58 3.15 -9.55
CA CYS B 91 23.05 3.51 -9.65
C CYS B 91 23.07 4.86 -9.12
N ALA B 92 24.22 5.49 -8.52
CA ALA B 92 24.07 6.98 -8.32
C ALA B 92 25.32 7.68 -8.59
N SER B 93 25.37 8.85 -9.27
CA SER B 93 26.64 9.64 -9.33
C SER B 93 26.63 10.93 -8.49
N SER B 94 27.68 11.61 -8.31
CA SER B 94 27.73 12.80 -7.45
C SER B 94 28.83 13.57 -8.13
N SER B 95 29.12 14.89 -8.01
CA SER B 95 30.59 15.25 -8.00
C SER B 95 31.26 15.40 -6.71
N ARG B 96 32.03 14.49 -6.17
CA ARG B 96 32.44 14.59 -4.73
C ARG B 96 33.06 15.95 -4.32
N SER B 97 32.22 16.83 -3.76
CA SER B 97 32.58 18.10 -3.15
C SER B 97 31.56 18.45 -2.04
N SER B 98 30.32 17.97 -2.11
CA SER B 98 29.47 17.91 -0.91
C SER B 98 28.89 16.51 -0.64
N TYR B 99 28.86 15.65 -1.68
CA TYR B 99 28.10 14.39 -1.68
C TYR B 99 26.58 14.65 -1.81
N GLU B 100 26.08 15.10 -2.89
CA GLU B 100 24.64 15.17 -3.02
C GLU B 100 24.33 14.36 -4.32
N GLN B 101 23.60 13.27 -4.21
CA GLN B 101 23.89 12.16 -5.17
C GLN B 101 22.72 12.12 -6.15
N TYR B 102 22.97 12.24 -7.46
CA TYR B 102 21.72 11.95 -8.08
C TYR B 102 21.49 10.54 -8.62
N PHE B 103 20.21 10.17 -9.02
CA PHE B 103 20.47 8.78 -9.13
C PHE B 103 19.96 8.10 -10.30
N GLY B 104 20.05 6.70 -10.47
CA GLY B 104 19.50 6.44 -11.82
C GLY B 104 17.93 6.50 -12.07
N PRO B 105 17.35 6.12 -13.20
CA PRO B 105 16.01 5.79 -13.08
C PRO B 105 15.94 4.34 -12.57
N GLY B 106 16.90 3.33 -12.80
CA GLY B 106 16.96 2.09 -11.95
C GLY B 106 16.79 0.82 -12.77
N THR B 107 17.14 -0.42 -12.21
CA THR B 107 17.03 -1.65 -12.99
C THR B 107 16.41 -2.65 -12.11
N ARG B 108 15.28 -3.24 -12.49
CA ARG B 108 14.70 -4.30 -11.65
C ARG B 108 15.38 -5.54 -12.09
N LEU B 109 16.01 -6.30 -11.20
CA LEU B 109 16.34 -7.59 -11.94
C LEU B 109 15.54 -8.70 -11.22
N THR B 110 15.00 -9.69 -11.97
CA THR B 110 14.48 -10.94 -11.38
C THR B 110 15.19 -12.23 -11.78
N VAL B 111 15.78 -13.00 -10.92
CA VAL B 111 16.34 -14.22 -11.28
C VAL B 111 15.36 -15.28 -10.83
N THR B 112 14.93 -16.11 -11.80
CA THR B 112 14.12 -17.32 -11.46
C THR B 112 14.95 -18.60 -11.37
N GLU B 113 14.55 -19.50 -10.45
CA GLU B 113 15.26 -20.75 -10.09
C GLU B 113 15.19 -21.76 -11.22
N ASP B 114 14.00 -21.81 -11.92
CA ASP B 114 13.32 -22.78 -12.85
C ASP B 114 13.23 -22.02 -14.05
N LEU B 115 12.45 -22.43 -14.96
CA LEU B 115 12.27 -21.34 -16.02
C LEU B 115 10.94 -21.54 -16.76
N LYS B 116 10.08 -22.35 -16.22
CA LYS B 116 8.92 -22.85 -16.86
C LYS B 116 7.82 -21.89 -16.51
N ASN B 117 8.06 -21.16 -15.38
CA ASN B 117 7.12 -20.63 -14.39
C ASN B 117 6.81 -19.20 -14.73
N VAL B 118 7.11 -18.99 -16.01
CA VAL B 118 7.29 -17.61 -16.29
C VAL B 118 6.10 -17.61 -17.05
N PHE B 119 5.22 -16.59 -16.92
CA PHE B 119 4.32 -16.62 -18.06
C PHE B 119 3.96 -15.33 -18.22
N PRO B 120 3.50 -15.00 -19.26
CA PRO B 120 2.90 -13.75 -19.40
C PRO B 120 1.48 -13.60 -18.94
N PRO B 121 1.06 -12.36 -18.74
CA PRO B 121 -0.14 -12.13 -17.99
C PRO B 121 -1.24 -12.27 -19.06
N GLU B 122 -2.42 -12.89 -18.74
CA GLU B 122 -3.76 -12.61 -19.36
C GLU B 122 -4.05 -11.22 -18.96
N VAL B 123 -4.97 -10.73 -19.68
CA VAL B 123 -5.50 -9.68 -18.84
C VAL B 123 -6.82 -9.57 -19.26
N ALA B 124 -7.62 -8.85 -18.62
CA ALA B 124 -9.09 -8.62 -19.03
C ALA B 124 -9.44 -7.20 -18.59
N VAL B 125 -10.32 -6.59 -19.29
CA VAL B 125 -10.96 -5.35 -18.97
C VAL B 125 -12.36 -5.77 -18.57
N PHE B 126 -12.69 -5.43 -17.30
CA PHE B 126 -13.97 -5.63 -16.63
C PHE B 126 -14.78 -4.33 -16.80
N GLU B 127 -15.90 -4.43 -17.52
CA GLU B 127 -16.70 -3.29 -17.99
C GLU B 127 -17.72 -2.90 -16.91
N PRO B 128 -18.11 -1.63 -16.78
CA PRO B 128 -18.25 -1.04 -15.45
C PRO B 128 -19.63 -1.51 -15.06
N SER B 129 -19.90 -1.22 -13.74
CA SER B 129 -21.18 -1.69 -13.15
C SER B 129 -22.28 -0.83 -13.45
N GLU B 130 -23.44 -1.42 -13.88
CA GLU B 130 -24.36 -0.37 -14.30
C GLU B 130 -24.80 0.36 -13.01
N ALA B 131 -24.56 -0.19 -11.83
CA ALA B 131 -24.88 0.38 -10.54
C ALA B 131 -23.94 1.52 -10.20
N GLU B 132 -22.64 1.27 -10.37
CA GLU B 132 -21.75 2.33 -10.01
C GLU B 132 -22.00 3.44 -11.02
N ILE B 133 -22.31 3.20 -12.29
CA ILE B 133 -22.66 4.20 -13.36
C ILE B 133 -23.84 5.00 -12.89
N SER B 134 -24.93 4.44 -12.35
CA SER B 134 -26.15 5.16 -11.92
C SER B 134 -25.94 5.96 -10.64
N HIS B 135 -25.37 5.32 -9.66
CA HIS B 135 -25.15 5.98 -8.40
C HIS B 135 -23.86 6.83 -8.18
N THR B 136 -22.84 6.97 -9.06
CA THR B 136 -21.65 7.80 -8.76
C THR B 136 -21.45 8.74 -9.95
N GLN B 137 -21.99 8.31 -11.10
CA GLN B 137 -21.85 8.86 -12.45
C GLN B 137 -20.40 9.10 -12.93
N LYS B 138 -19.55 8.39 -12.30
CA LYS B 138 -18.34 8.02 -12.94
C LYS B 138 -18.49 6.50 -13.31
N ALA B 139 -17.36 5.90 -13.80
CA ALA B 139 -17.50 4.58 -14.44
C ALA B 139 -16.12 4.10 -14.50
N THR B 140 -15.84 3.09 -13.69
CA THR B 140 -14.55 2.42 -13.40
C THR B 140 -14.59 1.13 -14.27
N LEU B 141 -13.79 1.09 -15.34
CA LEU B 141 -13.28 -0.22 -15.70
C LEU B 141 -11.94 -0.50 -14.92
N VAL B 142 -11.88 -1.74 -14.50
CA VAL B 142 -10.70 -2.32 -13.94
C VAL B 142 -10.08 -3.23 -14.95
N CYS B 143 -8.77 -3.23 -15.05
CA CYS B 143 -8.14 -4.20 -15.98
C CYS B 143 -7.42 -5.07 -15.07
N LEU B 144 -7.63 -6.34 -15.24
CA LEU B 144 -7.17 -7.36 -14.29
C LEU B 144 -6.00 -8.11 -15.06
N ALA B 145 -4.73 -7.84 -14.84
CA ALA B 145 -3.50 -8.50 -15.39
C ALA B 145 -2.97 -9.48 -14.39
N THR B 146 -3.15 -10.74 -14.69
CA THR B 146 -3.10 -11.87 -13.79
C THR B 146 -2.19 -12.98 -14.23
N GLY B 147 -1.63 -13.55 -13.32
CA GLY B 147 -1.00 -14.60 -14.08
C GLY B 147 0.53 -14.48 -14.13
N PHE B 148 1.16 -13.36 -13.87
CA PHE B 148 2.40 -13.37 -14.64
C PHE B 148 3.60 -13.18 -13.84
N TYR B 149 4.69 -13.77 -14.38
CA TYR B 149 5.94 -13.65 -13.55
C TYR B 149 7.06 -13.68 -14.45
N PRO B 150 7.87 -12.74 -14.32
CA PRO B 150 7.97 -11.97 -13.13
C PRO B 150 7.15 -10.68 -13.20
N ASP B 151 7.20 -9.91 -12.06
CA ASP B 151 6.45 -8.67 -11.75
C ASP B 151 6.79 -7.41 -12.58
N HIS B 152 6.92 -7.59 -13.84
CA HIS B 152 7.63 -6.59 -14.53
C HIS B 152 6.63 -6.54 -15.64
N VAL B 153 5.84 -5.62 -15.37
CA VAL B 153 5.01 -5.35 -16.42
C VAL B 153 4.71 -3.95 -16.29
N GLU B 154 4.13 -3.25 -17.21
CA GLU B 154 3.95 -1.78 -17.12
C GLU B 154 2.67 -1.49 -17.74
N LEU B 155 1.72 -1.18 -16.84
CA LEU B 155 0.44 -1.40 -17.46
C LEU B 155 0.05 -0.03 -17.81
N SER B 156 -0.26 0.22 -19.01
CA SER B 156 -0.89 1.51 -19.35
C SER B 156 -2.15 1.48 -20.12
N TRP B 157 -2.74 2.60 -19.96
CA TRP B 157 -4.02 2.31 -20.52
C TRP B 157 -4.22 3.23 -21.66
N TRP B 158 -4.92 2.95 -22.76
CA TRP B 158 -4.83 3.85 -24.01
C TRP B 158 -6.19 4.01 -24.56
N VAL B 159 -6.69 5.09 -24.04
CA VAL B 159 -7.89 5.15 -24.74
C VAL B 159 -7.98 6.05 -25.99
N ASN B 160 -8.85 5.79 -26.90
CA ASN B 160 -8.77 6.01 -28.37
C ASN B 160 -7.41 6.32 -28.90
N GLY B 161 -6.51 5.57 -28.34
CA GLY B 161 -5.32 4.99 -28.93
C GLY B 161 -4.25 5.97 -28.58
N LYS B 162 -4.54 6.73 -27.58
CA LYS B 162 -3.46 7.64 -27.21
C LYS B 162 -3.44 7.32 -25.77
N GLU B 163 -2.29 7.21 -25.15
CA GLU B 163 -2.29 6.84 -23.76
C GLU B 163 -2.67 7.98 -22.87
N VAL B 164 -3.61 7.71 -21.87
CA VAL B 164 -4.05 8.63 -20.77
C VAL B 164 -3.24 8.45 -19.44
N HIS B 165 -3.17 9.50 -18.62
CA HIS B 165 -2.73 9.33 -17.25
C HIS B 165 -3.74 9.94 -16.28
N SER B 166 -4.89 10.33 -16.81
CA SER B 166 -5.93 11.06 -16.14
C SER B 166 -7.11 10.19 -15.65
N GLY B 167 -7.18 10.14 -14.27
CA GLY B 167 -7.91 9.31 -13.29
C GLY B 167 -7.64 7.78 -13.45
N VAL B 168 -6.37 7.54 -13.89
CA VAL B 168 -5.95 6.17 -13.90
C VAL B 168 -5.26 5.96 -12.60
N CYS B 169 -5.55 4.84 -11.90
CA CYS B 169 -4.86 4.54 -10.69
C CYS B 169 -4.28 3.16 -10.89
N THR B 170 -2.90 3.02 -10.95
CA THR B 170 -2.51 1.61 -11.10
C THR B 170 -1.99 1.12 -9.75
N ASP B 171 -2.38 -0.03 -9.29
CA ASP B 171 -1.85 -0.37 -7.98
C ASP B 171 -0.46 -0.05 -8.30
N PRO B 172 0.08 0.55 -7.39
CA PRO B 172 1.42 0.91 -7.49
C PRO B 172 2.33 -0.34 -7.70
N GLN B 173 2.61 -0.99 -6.62
CA GLN B 173 3.05 -2.35 -6.66
C GLN B 173 1.84 -3.46 -7.01
N PRO B 174 2.01 -4.46 -7.93
CA PRO B 174 1.46 -5.79 -8.01
C PRO B 174 1.14 -6.79 -6.75
N LEU B 175 -0.10 -7.49 -6.56
CA LEU B 175 -0.48 -8.48 -5.49
C LEU B 175 0.15 -9.80 -5.80
N LYS B 176 1.02 -10.33 -4.97
CA LYS B 176 1.70 -11.66 -5.17
C LYS B 176 0.65 -12.62 -4.67
N GLU B 177 0.15 -13.42 -5.51
CA GLU B 177 -0.86 -14.39 -5.11
C GLU B 177 -0.06 -15.61 -4.69
N GLN B 178 -0.38 -16.11 -3.61
CA GLN B 178 0.36 -17.27 -3.15
C GLN B 178 1.61 -16.52 -2.68
N PRO B 179 1.64 -15.89 -1.58
CA PRO B 179 2.83 -15.29 -1.15
C PRO B 179 3.77 -16.31 -0.54
N ALA B 180 3.15 -17.34 -0.01
CA ALA B 180 4.09 -17.97 0.89
C ALA B 180 5.23 -18.54 0.04
N LEU B 181 4.91 -18.86 -1.28
CA LEU B 181 5.84 -19.41 -2.32
C LEU B 181 6.85 -18.38 -2.68
N ASN B 182 8.00 -18.82 -3.21
CA ASN B 182 8.66 -17.89 -4.18
C ASN B 182 8.43 -18.49 -5.54
N ASP B 183 8.35 -17.56 -6.50
CA ASP B 183 8.14 -17.76 -7.89
C ASP B 183 6.64 -17.92 -7.94
N SER B 184 5.98 -17.00 -7.31
CA SER B 184 4.54 -16.95 -7.45
C SER B 184 4.14 -15.96 -8.39
N ARG B 185 3.06 -16.42 -8.74
CA ARG B 185 2.90 -15.67 -9.92
C ARG B 185 2.08 -14.48 -9.30
N TYR B 186 1.92 -13.28 -10.04
CA TYR B 186 1.45 -11.97 -9.49
C TYR B 186 0.22 -11.59 -10.28
N SER B 187 -0.71 -10.90 -9.75
CA SER B 187 -1.47 -10.14 -10.60
C SER B 187 -1.44 -8.61 -10.17
N LEU B 188 -1.71 -7.68 -11.11
CA LEU B 188 -1.85 -6.23 -10.79
C LEU B 188 -3.21 -5.72 -11.39
N SER B 189 -3.82 -4.77 -10.66
CA SER B 189 -5.04 -4.37 -11.34
C SER B 189 -4.70 -2.93 -11.43
N SER B 190 -5.50 -2.32 -12.37
CA SER B 190 -5.33 -0.83 -12.40
C SER B 190 -6.67 -0.38 -12.71
N ARG B 191 -7.03 0.87 -12.28
CA ARG B 191 -8.41 1.37 -12.53
C ARG B 191 -8.32 2.50 -13.48
N LEU B 192 -9.28 2.68 -14.28
CA LEU B 192 -9.28 3.94 -15.09
C LEU B 192 -10.76 4.29 -14.92
N ARG B 193 -11.02 5.37 -14.25
CA ARG B 193 -12.47 5.70 -14.26
C ARG B 193 -12.71 6.92 -14.98
N VAL B 194 -13.33 6.82 -16.03
CA VAL B 194 -13.70 8.13 -16.63
C VAL B 194 -15.16 8.37 -16.33
N SER B 195 -15.38 9.47 -16.83
CA SER B 195 -16.71 9.89 -16.56
C SER B 195 -17.72 8.95 -17.22
N ALA B 196 -18.99 9.29 -16.84
CA ALA B 196 -19.76 8.10 -16.99
C ALA B 196 -19.92 8.24 -18.40
N THR B 197 -19.86 9.63 -18.72
CA THR B 197 -20.51 10.07 -20.06
C THR B 197 -19.76 9.54 -21.26
N PHE B 198 -18.55 9.26 -20.80
CA PHE B 198 -17.57 8.71 -21.69
C PHE B 198 -17.51 7.20 -21.92
N TRP B 199 -18.05 6.34 -21.07
CA TRP B 199 -17.97 4.87 -21.26
C TRP B 199 -19.20 4.63 -21.89
N GLN B 200 -20.13 5.58 -21.88
CA GLN B 200 -21.41 5.29 -22.59
C GLN B 200 -21.30 5.56 -24.09
N ASN B 201 -20.15 6.02 -24.63
CA ASN B 201 -20.03 6.59 -26.01
C ASN B 201 -19.34 5.52 -26.77
N PRO B 202 -20.04 4.78 -27.69
CA PRO B 202 -19.58 3.46 -28.09
C PRO B 202 -18.37 3.52 -29.05
N ARG B 203 -17.67 4.66 -28.99
CA ARG B 203 -16.69 5.05 -29.98
C ARG B 203 -15.41 4.78 -29.33
N ASN B 204 -15.47 4.91 -28.02
CA ASN B 204 -14.19 4.79 -27.50
C ASN B 204 -13.74 3.36 -27.36
N HIS B 205 -12.44 2.98 -27.55
CA HIS B 205 -11.74 1.54 -27.47
C HIS B 205 -10.97 2.04 -26.22
N PHE B 206 -11.19 1.57 -25.06
CA PHE B 206 -10.14 1.62 -24.02
C PHE B 206 -9.44 0.27 -24.20
N ARG B 207 -8.38 0.45 -23.70
CA ARG B 207 -7.74 -0.81 -23.70
C ARG B 207 -6.44 -0.85 -22.98
N CYS B 208 -6.22 -1.87 -22.64
CA CYS B 208 -5.34 -1.78 -21.45
C CYS B 208 -4.25 -2.81 -21.62
N GLN B 209 -3.22 -2.32 -22.01
CA GLN B 209 -2.00 -3.13 -22.33
C GLN B 209 -0.89 -3.15 -21.25
N VAL B 210 -0.42 -4.15 -21.26
CA VAL B 210 0.48 -4.36 -20.27
C VAL B 210 1.65 -5.03 -20.97
N GLN B 211 2.78 -4.34 -20.92
CA GLN B 211 4.17 -4.78 -21.39
C GLN B 211 4.36 -5.92 -20.56
N PHE B 212 5.04 -6.81 -21.21
CA PHE B 212 5.34 -7.83 -20.33
C PHE B 212 6.84 -8.13 -20.49
N TYR B 213 7.76 -8.24 -19.42
CA TYR B 213 9.05 -8.27 -19.88
C TYR B 213 9.60 -9.53 -19.44
N GLY B 214 10.37 -10.20 -20.35
CA GLY B 214 10.12 -11.62 -20.15
C GLY B 214 11.22 -12.35 -20.81
N LEU B 215 10.86 -13.29 -21.81
CA LEU B 215 11.92 -14.28 -22.08
C LEU B 215 12.57 -13.72 -23.28
N SER B 216 13.93 -13.81 -23.29
CA SER B 216 14.82 -13.17 -24.29
C SER B 216 14.73 -13.80 -25.68
N GLU B 217 15.73 -14.66 -26.00
CA GLU B 217 15.84 -15.60 -27.08
C GLU B 217 17.19 -16.35 -26.88
N ASN B 218 17.16 -17.68 -26.99
CA ASN B 218 18.35 -18.28 -26.36
C ASN B 218 18.14 -18.08 -24.84
N ASP B 219 16.96 -18.71 -24.44
CA ASP B 219 16.87 -19.37 -23.14
C ASP B 219 16.82 -20.91 -23.20
N GLU B 220 16.07 -21.48 -24.15
CA GLU B 220 15.64 -22.89 -24.25
C GLU B 220 14.11 -22.70 -24.18
N TRP B 221 13.38 -23.73 -24.42
CA TRP B 221 11.93 -23.68 -24.47
C TRP B 221 11.50 -25.02 -25.07
N THR B 222 11.07 -25.81 -24.10
CA THR B 222 10.86 -27.07 -24.58
C THR B 222 9.40 -27.35 -24.34
N GLN B 223 8.86 -26.87 -23.21
CA GLN B 223 7.42 -26.96 -23.01
C GLN B 223 6.54 -26.55 -24.22
N ASP B 224 5.22 -26.46 -23.93
CA ASP B 224 4.35 -27.04 -24.94
C ASP B 224 3.41 -25.92 -25.36
N ARG B 225 3.52 -24.67 -24.78
CA ARG B 225 2.49 -23.59 -25.11
C ARG B 225 3.32 -22.44 -25.60
N ALA B 226 2.70 -21.28 -25.96
CA ALA B 226 3.74 -20.30 -26.53
C ALA B 226 5.12 -20.07 -25.82
N LYS B 227 6.35 -19.69 -26.31
CA LYS B 227 7.47 -19.47 -25.27
C LYS B 227 7.27 -17.96 -25.00
N PRO B 228 7.36 -17.46 -23.72
CA PRO B 228 6.80 -16.12 -23.22
C PRO B 228 7.77 -15.01 -23.56
N VAL B 229 7.92 -14.57 -24.82
CA VAL B 229 8.84 -13.50 -25.06
C VAL B 229 8.23 -12.17 -24.60
N THR B 230 9.00 -11.09 -24.60
CA THR B 230 8.53 -9.83 -24.04
C THR B 230 7.46 -9.64 -24.87
N GLN B 231 6.43 -9.50 -24.35
CA GLN B 231 5.48 -9.07 -25.36
C GLN B 231 4.31 -8.28 -24.82
N ILE B 232 3.63 -7.66 -25.64
CA ILE B 232 2.58 -6.89 -25.11
C ILE B 232 1.28 -7.72 -25.31
N VAL B 233 0.18 -7.38 -24.61
CA VAL B 233 -1.03 -8.18 -24.29
C VAL B 233 -1.79 -7.02 -23.88
N SER B 234 -2.79 -7.16 -24.43
CA SER B 234 -3.79 -6.30 -24.12
C SER B 234 -5.05 -7.07 -24.09
N ALA B 235 -5.99 -6.24 -23.83
CA ALA B 235 -7.34 -6.52 -23.66
C ALA B 235 -7.98 -5.21 -23.95
N GLU B 236 -9.22 -5.33 -24.34
CA GLU B 236 -9.72 -4.12 -24.72
C GLU B 236 -11.14 -4.28 -24.91
N ALA B 237 -11.81 -3.22 -24.60
CA ALA B 237 -13.22 -3.16 -24.81
C ALA B 237 -13.60 -1.83 -25.31
N TRP B 238 -14.73 -2.08 -25.83
CA TRP B 238 -15.41 -0.88 -26.16
C TRP B 238 -16.19 -0.30 -24.98
N GLY B 239 -16.56 1.01 -25.03
CA GLY B 239 -17.66 1.56 -24.22
C GLY B 239 -18.98 1.07 -24.88
N ARG B 240 -20.06 1.07 -24.03
CA ARG B 240 -21.31 0.48 -24.53
C ARG B 240 -22.36 1.07 -23.70
N ALA B 241 -23.51 1.11 -24.42
CA ALA B 241 -24.50 2.10 -24.05
C ALA B 241 -25.91 1.50 -23.90
N ASP B 242 -26.56 1.54 -22.72
CA ASP B 242 -26.11 2.13 -21.46
C ASP B 242 -25.06 1.23 -20.78
N VAL C 1 -32.53 14.38 -3.40
CA VAL C 1 -32.78 15.80 -4.10
C VAL C 1 -32.38 16.57 -2.90
N GLN C 2 -32.70 17.96 -2.82
CA GLN C 2 -31.90 18.94 -2.05
C GLN C 2 -32.22 18.83 -0.58
N LEU C 3 -31.17 18.77 0.32
CA LEU C 3 -31.62 18.61 1.68
C LEU C 3 -31.45 19.98 2.37
N VAL C 4 -32.37 20.33 3.29
CA VAL C 4 -32.31 21.63 3.96
C VAL C 4 -32.27 21.34 5.43
N GLU C 5 -31.05 21.42 6.02
CA GLU C 5 -30.92 21.15 7.44
C GLU C 5 -31.43 22.36 8.27
N SER C 6 -31.80 22.12 9.55
CA SER C 6 -32.37 23.02 10.55
C SER C 6 -31.86 22.61 11.92
N GLY C 7 -31.31 23.60 12.70
CA GLY C 7 -31.72 23.25 14.02
C GLY C 7 -30.62 22.83 14.87
N GLY C 8 -29.79 23.81 14.52
CA GLY C 8 -28.47 23.72 15.16
C GLY C 8 -28.46 24.65 16.38
N GLY C 9 -27.23 25.15 16.78
CA GLY C 9 -27.21 26.16 17.85
C GLY C 9 -26.20 25.92 18.93
N LEU C 10 -26.20 26.62 20.10
CA LEU C 10 -25.27 26.27 21.19
C LEU C 10 -26.07 25.73 22.27
N VAL C 11 -25.36 24.77 22.86
CA VAL C 11 -25.70 24.27 24.17
C VAL C 11 -24.42 24.30 24.95
N GLN C 12 -24.68 24.13 26.25
CA GLN C 12 -23.76 23.89 27.34
C GLN C 12 -23.70 22.38 27.41
N ALA C 13 -22.56 21.86 27.89
CA ALA C 13 -22.49 20.40 28.04
C ALA C 13 -23.62 19.91 28.94
N GLY C 14 -24.09 18.74 28.59
CA GLY C 14 -25.04 17.97 29.35
C GLY C 14 -26.36 18.04 28.61
N GLY C 15 -26.33 18.90 27.62
CA GLY C 15 -27.42 19.53 26.89
C GLY C 15 -28.29 18.54 26.14
N SER C 16 -29.30 19.16 25.49
CA SER C 16 -30.22 18.51 24.55
C SER C 16 -30.49 19.39 23.34
N LEU C 17 -30.32 18.80 22.16
CA LEU C 17 -30.65 19.40 20.88
C LEU C 17 -31.26 18.30 20.03
N ARG C 18 -31.81 18.79 18.95
CA ARG C 18 -32.20 17.78 18.09
C ARG C 18 -32.02 18.56 16.74
N LEU C 19 -31.05 18.08 15.95
CA LEU C 19 -30.76 18.38 14.51
C LEU C 19 -31.82 17.83 13.52
N SER C 20 -32.34 18.52 12.53
CA SER C 20 -33.54 17.95 11.82
C SER C 20 -33.28 18.35 10.39
N CYS C 21 -34.06 17.83 9.45
CA CYS C 21 -33.52 17.85 8.06
C CYS C 21 -34.76 17.62 7.23
N ALA C 22 -35.15 18.66 6.51
CA ALA C 22 -36.21 18.55 5.53
C ALA C 22 -35.61 17.93 4.28
N ALA C 23 -36.62 17.54 3.50
CA ALA C 23 -36.26 16.99 2.21
C ALA C 23 -37.37 17.39 1.22
N SER C 24 -37.03 17.15 -0.04
CA SER C 24 -37.56 17.08 -1.36
C SER C 24 -37.01 15.79 -2.00
N GLY C 25 -37.61 15.30 -3.13
CA GLY C 25 -37.05 14.27 -4.02
C GLY C 25 -37.20 12.83 -3.53
N SER C 26 -36.36 11.82 -3.86
CA SER C 26 -36.85 10.43 -3.91
C SER C 26 -36.96 9.77 -2.54
N ILE C 27 -38.14 9.41 -2.06
CA ILE C 27 -38.40 8.64 -0.85
C ILE C 27 -38.60 7.16 -1.25
N VAL C 28 -38.46 6.92 -2.58
CA VAL C 28 -38.52 5.67 -3.36
C VAL C 28 -37.18 5.63 -4.10
N GLY C 29 -36.20 6.32 -3.51
CA GLY C 29 -34.87 5.81 -3.71
C GLY C 29 -34.30 4.90 -2.56
N ILE C 30 -34.89 4.79 -1.35
CA ILE C 30 -33.74 5.03 -0.39
C ILE C 30 -32.74 3.86 -0.09
N HIS C 31 -32.18 4.15 1.04
CA HIS C 31 -31.26 3.06 1.04
C HIS C 31 -30.70 3.20 2.42
N SER C 32 -30.28 4.37 2.78
CA SER C 32 -29.91 4.54 4.19
C SER C 32 -30.01 6.03 4.47
N VAL C 33 -30.23 6.50 5.76
CA VAL C 33 -30.09 7.92 5.96
C VAL C 33 -29.33 8.23 7.22
N GLY C 34 -28.18 8.77 7.05
CA GLY C 34 -27.28 8.90 8.18
C GLY C 34 -26.90 10.36 8.40
N TRP C 35 -26.57 10.74 9.61
CA TRP C 35 -25.82 11.91 9.97
C TRP C 35 -24.36 11.54 9.96
N TYR C 36 -23.54 12.42 9.64
CA TYR C 36 -22.19 12.46 9.92
C TYR C 36 -21.83 13.86 10.25
N ARG C 37 -20.55 14.03 10.59
CA ARG C 37 -20.29 15.20 11.39
C ARG C 37 -18.90 15.59 11.07
N GLN C 38 -18.52 16.85 11.35
CA GLN C 38 -17.31 17.45 10.74
C GLN C 38 -16.71 18.17 11.88
N VAL C 39 -15.57 17.52 12.39
CA VAL C 39 -15.13 18.02 13.73
C VAL C 39 -14.05 18.90 13.26
N PRO C 40 -13.91 20.21 13.50
CA PRO C 40 -12.95 20.90 12.66
C PRO C 40 -11.57 20.24 12.92
N GLY C 41 -10.70 20.29 11.89
CA GLY C 41 -9.40 19.61 11.87
C GLY C 41 -9.54 18.08 11.92
N ARG C 42 -10.70 17.66 11.58
CA ARG C 42 -11.13 16.36 11.06
C ARG C 42 -12.05 16.47 9.81
N GLN C 43 -12.30 15.29 9.20
CA GLN C 43 -12.72 14.92 7.83
C GLN C 43 -14.08 14.37 8.09
N ARG C 44 -14.71 13.64 7.22
CA ARG C 44 -15.89 13.51 8.02
C ARG C 44 -15.80 12.15 8.77
N GLU C 45 -16.75 11.71 9.69
CA GLU C 45 -16.84 10.29 10.18
C GLU C 45 -18.25 10.02 10.56
N LEU C 46 -18.72 8.74 10.51
CA LEU C 46 -20.18 8.42 10.63
C LEU C 46 -20.60 8.52 12.12
N VAL C 47 -21.84 8.94 12.43
CA VAL C 47 -22.31 9.04 13.78
C VAL C 47 -23.57 8.23 13.80
N ALA C 48 -24.43 8.48 12.79
CA ALA C 48 -25.64 7.65 12.90
C ALA C 48 -26.11 7.09 11.63
N THR C 49 -26.88 6.04 11.70
CA THR C 49 -27.35 5.77 10.39
C THR C 49 -28.50 4.79 10.45
N ILE C 50 -29.46 4.72 9.51
CA ILE C 50 -30.56 3.79 9.73
C ILE C 50 -30.59 3.29 8.35
N VAL C 51 -30.61 1.97 8.21
CA VAL C 51 -30.49 1.31 6.89
C VAL C 51 -31.76 0.64 6.57
N THR C 52 -32.00 0.23 5.36
CA THR C 52 -33.45 -0.25 5.21
C THR C 52 -33.53 -1.82 5.34
N ASP C 53 -32.36 -2.37 5.25
CA ASP C 53 -31.93 -3.74 5.15
C ASP C 53 -31.45 -4.18 6.53
N THR C 54 -30.95 -3.25 7.26
CA THR C 54 -30.55 -3.43 8.65
C THR C 54 -31.11 -2.32 9.57
N GLY C 55 -30.84 -2.43 10.83
CA GLY C 55 -31.60 -1.60 11.74
C GLY C 55 -31.16 -0.15 11.65
N THR C 56 -30.71 0.28 12.82
CA THR C 56 -29.99 1.46 13.01
C THR C 56 -28.62 1.14 13.59
N HIS C 57 -27.67 2.00 13.24
CA HIS C 57 -26.40 1.71 13.76
C HIS C 57 -25.67 2.93 14.14
N TYR C 58 -24.78 2.71 15.12
CA TYR C 58 -24.30 3.88 15.81
C TYR C 58 -22.85 3.70 15.85
N ARG C 59 -22.23 4.70 16.39
CA ARG C 59 -20.87 4.50 16.37
C ARG C 59 -20.43 5.80 16.82
N ASP C 60 -19.15 5.75 17.19
CA ASP C 60 -18.57 6.85 17.89
C ASP C 60 -19.24 6.64 19.22
N PHE C 61 -19.05 7.75 19.97
CA PHE C 61 -18.78 7.26 21.29
C PHE C 61 -20.09 7.78 21.72
N VAL C 62 -20.81 8.18 20.59
CA VAL C 62 -22.06 9.00 20.70
C VAL C 62 -23.21 8.00 20.30
N LYS C 63 -22.88 6.70 20.50
CA LYS C 63 -23.55 5.64 21.38
C LYS C 63 -23.55 5.75 23.02
N GLY C 64 -24.67 5.17 23.26
CA GLY C 64 -25.47 5.17 24.43
C GLY C 64 -26.23 6.48 24.48
N ARG C 65 -26.69 7.12 23.36
CA ARG C 65 -26.75 8.57 23.69
C ARG C 65 -27.53 9.55 22.83
N PHE C 66 -27.52 9.45 21.59
CA PHE C 66 -28.22 10.38 20.75
C PHE C 66 -29.08 9.27 20.04
N THR C 67 -29.79 9.55 18.92
CA THR C 67 -30.73 8.53 18.51
C THR C 67 -31.11 9.03 17.22
N ILE C 68 -30.86 8.06 16.26
CA ILE C 68 -31.42 8.65 15.06
C ILE C 68 -32.90 8.37 14.79
N SER C 69 -33.77 9.19 14.17
CA SER C 69 -34.98 8.45 13.68
C SER C 69 -35.55 9.06 12.40
N ARG C 70 -36.83 8.98 11.96
CA ARG C 70 -37.17 9.52 10.61
C ARG C 70 -38.53 9.07 10.47
N ASP C 71 -39.21 9.52 9.42
CA ASP C 71 -40.65 9.74 9.70
C ASP C 71 -41.16 8.82 8.65
N ILE C 72 -42.45 8.43 8.80
CA ILE C 72 -43.23 7.55 7.92
C ILE C 72 -43.23 8.13 6.50
N ALA C 73 -43.13 9.47 6.36
CA ALA C 73 -43.20 10.09 5.04
C ALA C 73 -41.84 10.05 4.34
N LYS C 74 -40.74 9.83 5.09
CA LYS C 74 -39.32 9.95 4.77
C LYS C 74 -39.01 11.32 4.16
N ASN C 75 -39.63 12.37 4.76
CA ASN C 75 -39.58 13.73 4.29
C ASN C 75 -38.90 14.48 5.38
N THR C 76 -38.59 13.68 6.46
CA THR C 76 -37.87 14.42 7.49
C THR C 76 -36.93 13.45 8.10
N LEU C 77 -35.85 13.88 8.73
CA LEU C 77 -34.86 12.92 9.37
C LEU C 77 -34.25 13.54 10.56
N TYR C 78 -34.31 13.03 11.81
CA TYR C 78 -33.84 13.85 13.01
C TYR C 78 -32.84 13.10 13.89
N LEU C 79 -32.05 13.89 14.54
CA LEU C 79 -30.89 13.27 15.24
C LEU C 79 -30.96 13.92 16.61
N GLN C 80 -31.44 13.10 17.59
CA GLN C 80 -31.57 13.68 18.92
C GLN C 80 -30.21 13.77 19.35
N MET C 81 -29.87 14.74 20.15
CA MET C 81 -28.57 14.64 20.87
C MET C 81 -28.85 14.92 22.35
N ASN C 82 -28.49 13.90 23.09
CA ASN C 82 -28.68 13.84 24.53
C ASN C 82 -27.34 13.52 25.23
N SER C 83 -27.19 14.12 26.30
CA SER C 83 -25.97 14.20 26.96
C SER C 83 -24.86 14.61 26.06
N LEU C 84 -24.98 15.79 25.63
CA LEU C 84 -23.84 16.33 24.88
C LEU C 84 -22.61 16.41 25.74
N GLN C 85 -21.52 16.35 25.13
CA GLN C 85 -20.29 16.52 25.83
C GLN C 85 -19.80 17.71 24.99
N PRO C 86 -18.85 18.49 25.50
CA PRO C 86 -18.32 19.61 24.72
C PRO C 86 -17.57 18.96 23.47
N GLU C 87 -17.19 17.67 23.48
CA GLU C 87 -16.37 16.96 22.48
C GLU C 87 -17.05 17.00 21.11
N ASP C 88 -18.31 17.19 21.25
CA ASP C 88 -19.11 16.99 20.11
C ASP C 88 -19.17 18.22 19.17
N THR C 89 -18.34 19.23 19.31
CA THR C 89 -18.97 20.55 18.77
C THR C 89 -18.64 20.58 17.32
N ALA C 90 -19.51 20.88 16.45
CA ALA C 90 -19.04 20.41 15.03
C ALA C 90 -20.10 20.76 14.03
N VAL C 91 -19.84 20.43 12.71
CA VAL C 91 -20.94 20.84 11.75
C VAL C 91 -21.54 19.55 11.41
N TYR C 92 -22.77 19.31 11.79
CA TYR C 92 -23.23 18.02 11.42
C TYR C 92 -23.89 18.01 10.05
N TYR C 93 -23.85 16.89 9.31
CA TYR C 93 -24.29 16.93 7.92
C TYR C 93 -25.32 15.90 7.75
N CYS C 94 -26.30 16.26 7.01
CA CYS C 94 -26.86 14.95 6.93
C CYS C 94 -26.79 14.48 5.47
N TYR C 95 -27.00 13.20 5.09
CA TYR C 95 -26.96 12.57 3.74
C TYR C 95 -28.16 11.68 3.69
N PHE C 96 -28.77 11.50 2.60
CA PHE C 96 -29.79 10.58 2.48
C PHE C 96 -29.16 9.99 1.22
N ASN C 97 -28.91 8.63 1.21
CA ASN C 97 -28.24 7.75 0.12
C ASN C 97 -29.32 6.93 -0.50
N LEU C 98 -29.33 7.01 -1.78
CA LEU C 98 -30.56 6.53 -2.49
C LEU C 98 -29.88 5.57 -3.51
N ILE C 99 -30.50 5.52 -4.72
CA ILE C 99 -30.09 4.71 -5.85
C ILE C 99 -29.43 5.51 -6.95
N ARG C 100 -29.60 6.84 -6.81
CA ARG C 100 -29.17 7.68 -7.85
C ARG C 100 -28.10 8.64 -7.37
N GLY C 101 -27.44 8.16 -6.32
CA GLY C 101 -26.20 8.58 -5.70
C GLY C 101 -26.52 9.01 -4.26
N ARG C 102 -25.44 9.37 -3.41
CA ARG C 102 -25.88 10.21 -2.36
C ARG C 102 -26.11 11.71 -2.65
N TYR C 103 -27.27 12.40 -2.25
CA TYR C 103 -27.30 13.84 -1.93
C TYR C 103 -26.97 14.24 -0.45
N TRP C 104 -26.49 15.47 -0.15
CA TRP C 104 -26.17 16.00 1.21
C TRP C 104 -26.78 17.37 1.51
N ALA C 105 -26.57 17.76 2.82
CA ALA C 105 -27.25 18.95 3.29
C ALA C 105 -26.16 19.97 3.48
N GLN C 106 -26.56 21.26 3.89
CA GLN C 106 -25.62 22.28 3.92
C GLN C 106 -24.73 22.06 5.19
N GLY C 107 -25.43 21.47 6.15
CA GLY C 107 -24.96 21.44 7.50
C GLY C 107 -25.42 22.65 8.31
N THR C 108 -25.39 22.43 9.60
CA THR C 108 -25.73 23.31 10.67
C THR C 108 -24.75 23.05 11.81
N LEU C 109 -24.27 24.17 12.33
CA LEU C 109 -23.23 24.31 13.31
C LEU C 109 -23.88 24.07 14.64
N VAL C 110 -23.14 23.29 15.42
CA VAL C 110 -23.51 23.03 16.80
C VAL C 110 -22.38 23.61 17.58
N THR C 111 -22.77 24.48 18.63
CA THR C 111 -21.63 24.55 19.59
C THR C 111 -21.71 23.79 20.95
N VAL C 112 -20.72 23.06 21.56
CA VAL C 112 -21.03 22.25 22.75
C VAL C 112 -20.01 22.58 23.74
N SER C 113 -20.34 23.48 24.72
CA SER C 113 -19.37 24.28 25.42
C SER C 113 -18.85 23.56 26.64
N SER C 114 -17.63 23.96 27.04
CA SER C 114 -17.21 23.96 28.44
C SER C 114 -17.57 25.31 29.12
N ASP D 1 4.70 -0.12 8.57
CA ASP D 1 3.39 -0.55 7.69
C ASP D 1 2.39 -1.50 8.36
N VAL D 2 2.85 -2.68 8.85
CA VAL D 2 2.54 -3.34 10.11
C VAL D 2 3.87 -4.03 10.65
N GLN D 3 3.89 -4.57 11.78
CA GLN D 3 4.97 -4.48 12.64
C GLN D 3 4.51 -5.46 13.78
N LEU D 4 5.19 -6.46 14.12
CA LEU D 4 4.52 -7.45 14.82
C LEU D 4 5.49 -7.75 15.83
N VAL D 5 5.24 -7.35 17.04
CA VAL D 5 6.36 -7.47 18.10
C VAL D 5 6.06 -8.91 18.61
N GLU D 6 6.98 -9.77 18.69
CA GLU D 6 6.60 -11.11 19.16
C GLU D 6 6.69 -11.11 20.62
N SER D 7 6.01 -12.22 21.13
CA SER D 7 5.82 -12.20 22.57
C SER D 7 6.18 -13.47 23.11
N GLY D 8 7.28 -13.52 23.95
CA GLY D 8 7.23 -14.62 24.96
C GLY D 8 8.21 -15.61 24.45
N GLY D 9 8.62 -16.66 25.16
CA GLY D 9 9.98 -17.00 24.74
C GLY D 9 11.04 -16.83 25.79
N GLY D 10 12.17 -17.65 25.72
CA GLY D 10 13.15 -18.30 26.62
C GLY D 10 12.58 -19.72 26.89
N VAL D 11 13.01 -20.15 28.10
CA VAL D 11 14.07 -21.24 28.23
C VAL D 11 13.33 -22.38 28.83
N VAL D 12 13.58 -23.49 28.28
CA VAL D 12 12.60 -24.54 28.58
C VAL D 12 13.24 -25.92 28.43
N GLN D 13 12.99 -26.80 29.41
CA GLN D 13 13.53 -28.12 29.56
C GLN D 13 12.63 -29.11 28.81
N PRO D 14 13.15 -30.09 28.12
CA PRO D 14 12.49 -30.95 27.18
C PRO D 14 11.13 -31.49 27.60
N GLY D 15 10.18 -31.46 26.59
CA GLY D 15 8.75 -31.83 26.50
C GLY D 15 7.91 -30.69 27.05
N GLY D 16 8.54 -29.54 27.46
CA GLY D 16 7.91 -28.39 28.12
C GLY D 16 7.06 -27.59 27.13
N SER D 17 6.41 -26.49 27.45
CA SER D 17 5.32 -25.97 26.60
C SER D 17 5.51 -24.46 26.76
N LEU D 18 5.29 -23.75 25.63
CA LEU D 18 5.78 -22.35 25.57
C LEU D 18 4.80 -21.78 24.69
N ARG D 19 4.71 -20.47 24.97
CA ARG D 19 3.59 -20.24 24.10
C ARG D 19 4.07 -18.88 23.57
N LEU D 20 4.49 -18.92 22.31
CA LEU D 20 4.85 -17.75 21.55
C LEU D 20 3.59 -16.98 21.14
N SER D 21 3.57 -15.63 21.56
CA SER D 21 2.37 -14.98 21.20
C SER D 21 2.88 -14.10 20.05
N CYS D 22 2.09 -13.72 18.90
CA CYS D 22 3.01 -12.77 18.29
C CYS D 22 2.27 -11.56 18.42
N VAL D 23 2.59 -10.37 18.93
CA VAL D 23 1.37 -9.42 19.06
C VAL D 23 1.10 -8.34 17.95
N ALA D 24 0.16 -8.49 16.98
CA ALA D 24 0.47 -7.99 15.59
C ALA D 24 -0.24 -6.66 15.71
N SER D 25 0.41 -5.59 15.28
CA SER D 25 -0.08 -4.25 15.49
C SER D 25 -0.01 -3.68 14.11
N GLY D 26 -0.73 -2.69 14.07
CA GLY D 26 -0.13 -1.99 12.96
C GLY D 26 -1.34 -2.08 12.07
N TYR D 27 -1.32 -1.72 10.86
CA TYR D 27 -2.30 -2.26 9.94
C TYR D 27 -2.14 -3.79 9.84
N VAL D 28 -3.23 -4.46 9.99
CA VAL D 28 -3.01 -5.83 9.92
C VAL D 28 -4.47 -6.05 9.51
N HIS D 29 -4.90 -5.23 8.57
CA HIS D 29 -5.86 -5.85 7.70
C HIS D 29 -5.43 -6.35 6.35
N LYS D 30 -4.20 -6.87 6.28
CA LYS D 30 -3.40 -6.78 5.04
C LYS D 30 -2.98 -8.16 4.92
N ILE D 31 -3.07 -8.67 6.17
CA ILE D 31 -2.02 -9.66 6.28
C ILE D 31 -2.96 -10.87 6.18
N ASN D 32 -2.42 -11.79 5.33
CA ASN D 32 -2.84 -12.91 4.51
C ASN D 32 -2.84 -14.04 5.35
N PHE D 33 -1.96 -13.97 6.15
CA PHE D 33 -1.77 -15.19 6.65
C PHE D 33 -0.48 -14.93 7.46
N TYR D 34 -0.09 -15.84 8.46
CA TYR D 34 0.76 -15.23 9.47
C TYR D 34 1.28 -16.48 9.63
N GLY D 35 2.33 -16.31 10.03
CA GLY D 35 3.02 -17.52 10.14
C GLY D 35 4.14 -17.31 11.07
N TRP D 36 4.55 -18.47 11.37
CA TRP D 36 5.74 -18.49 12.17
C TRP D 36 6.75 -19.05 11.26
N TYR D 37 8.00 -18.51 11.21
CA TYR D 37 9.20 -19.35 10.87
C TYR D 37 10.20 -19.51 12.04
N ARG D 38 11.32 -20.06 11.72
CA ARG D 38 12.36 -20.21 12.69
C ARG D 38 13.68 -20.33 11.99
N GLN D 39 14.78 -20.09 12.58
CA GLN D 39 16.02 -19.92 11.78
C GLN D 39 17.16 -20.05 12.81
N ALA D 40 18.03 -21.05 12.56
CA ALA D 40 18.67 -21.48 13.77
C ALA D 40 20.11 -21.16 13.49
N PRO D 41 21.01 -21.37 14.50
CA PRO D 41 22.44 -21.23 14.30
C PRO D 41 22.96 -22.23 13.26
N GLY D 42 23.16 -21.85 11.96
CA GLY D 42 23.41 -22.97 11.01
C GLY D 42 22.60 -22.98 9.71
N LYS D 43 21.53 -22.18 9.68
CA LYS D 43 20.48 -22.41 8.71
C LYS D 43 19.79 -21.12 8.32
N GLU D 44 19.04 -21.37 7.26
CA GLU D 44 18.10 -20.51 6.64
C GLU D 44 16.77 -20.79 7.35
N ARG D 45 15.85 -19.83 7.26
CA ARG D 45 14.50 -19.82 7.83
C ARG D 45 13.72 -20.99 7.34
N GLU D 46 13.41 -21.89 8.24
CA GLU D 46 12.48 -23.00 7.85
C GLU D 46 11.09 -22.59 8.24
N LYS D 47 10.04 -22.93 7.50
CA LYS D 47 8.69 -22.54 7.94
C LYS D 47 8.14 -23.69 8.81
N VAL D 48 7.25 -23.07 9.60
CA VAL D 48 6.95 -23.62 10.91
C VAL D 48 5.54 -23.89 10.97
N ALA D 49 5.03 -22.76 11.04
CA ALA D 49 3.77 -23.17 10.50
C ALA D 49 3.01 -21.96 9.99
N HIS D 50 1.76 -22.14 9.67
CA HIS D 50 1.05 -20.97 9.23
C HIS D 50 -0.28 -21.05 9.79
N ILE D 51 -1.03 -20.03 9.67
CA ILE D 51 -2.42 -20.01 9.95
C ILE D 51 -2.74 -18.85 9.12
N SER D 52 -3.76 -19.16 8.50
CA SER D 52 -4.26 -18.02 7.91
C SER D 52 -5.37 -17.53 8.77
N ILE D 53 -5.80 -16.30 8.61
CA ILE D 53 -7.02 -15.49 9.03
C ILE D 53 -8.04 -16.28 8.44
N GLY D 54 -9.10 -16.43 9.25
CA GLY D 54 -10.18 -17.40 8.93
C GLY D 54 -9.98 -18.92 9.28
N ASP D 55 -8.79 -19.27 9.51
CA ASP D 55 -8.52 -20.28 10.51
C ASP D 55 -8.12 -21.62 9.92
N GLN D 56 -7.01 -21.88 9.22
CA GLN D 56 -6.54 -23.24 8.93
C GLN D 56 -5.13 -23.18 9.22
N THR D 57 -4.43 -24.10 8.52
CA THR D 57 -3.28 -24.28 9.43
C THR D 57 -2.39 -25.36 8.93
N ASP D 58 -1.28 -24.97 8.47
CA ASP D 58 -0.46 -25.97 7.88
C ASP D 58 0.66 -25.92 8.77
N TYR D 59 1.44 -26.76 8.24
CA TYR D 59 2.50 -27.03 9.15
C TYR D 59 3.39 -27.82 8.26
N ALA D 60 4.39 -28.39 9.03
CA ALA D 60 5.53 -28.05 8.26
C ALA D 60 6.39 -28.79 9.17
N ASP D 61 6.35 -30.15 8.75
CA ASP D 61 7.31 -31.32 8.59
C ASP D 61 7.83 -31.61 10.00
N SER D 62 9.04 -31.02 10.41
CA SER D 62 9.57 -30.47 11.72
C SER D 62 8.67 -31.16 12.70
N ALA D 63 8.06 -30.33 13.56
CA ALA D 63 7.05 -30.58 14.51
C ALA D 63 5.67 -30.42 13.84
N LYS D 64 5.24 -31.35 12.96
CA LYS D 64 3.85 -31.51 12.39
C LYS D 64 2.95 -32.51 13.16
N GLY D 65 1.76 -32.11 13.68
CA GLY D 65 1.07 -32.58 14.91
C GLY D 65 1.83 -32.49 16.32
N ARG D 66 2.45 -31.45 16.82
CA ARG D 66 2.89 -31.38 18.25
C ARG D 66 3.16 -29.89 18.75
N PHE D 67 3.72 -28.92 17.95
CA PHE D 67 3.33 -27.48 18.01
C PHE D 67 1.92 -27.29 17.42
N THR D 68 0.99 -26.68 17.98
CA THR D 68 -0.19 -26.29 17.33
C THR D 68 -0.29 -24.75 17.17
N ILE D 69 -0.61 -24.20 15.93
CA ILE D 69 -0.29 -22.73 16.06
C ILE D 69 -1.60 -22.35 16.44
N SER D 70 -2.06 -21.25 17.13
CA SER D 70 -3.59 -20.91 17.05
C SER D 70 -3.86 -19.47 16.79
N ARG D 71 -5.03 -18.98 16.41
CA ARG D 71 -4.64 -17.51 16.71
C ARG D 71 -5.81 -16.64 17.16
N ASP D 72 -5.62 -15.46 17.85
CA ASP D 72 -6.77 -14.76 18.52
C ASP D 72 -6.99 -13.45 17.92
N GLU D 73 -8.14 -13.35 17.28
CA GLU D 73 -8.34 -12.21 16.35
C GLU D 73 -8.38 -11.04 17.37
N SER D 74 -8.63 -11.33 18.68
CA SER D 74 -9.13 -10.25 19.50
C SER D 74 -8.03 -9.40 19.86
N LYS D 75 -7.00 -10.12 20.11
CA LYS D 75 -5.89 -9.30 20.56
C LYS D 75 -4.80 -9.12 19.43
N ASN D 76 -5.09 -9.56 18.20
CA ASN D 76 -4.20 -9.97 17.17
C ASN D 76 -2.93 -10.36 17.88
N THR D 77 -2.96 -11.26 18.84
CA THR D 77 -1.89 -12.19 19.11
C THR D 77 -1.98 -13.60 18.44
N VAL D 78 -0.97 -14.02 17.67
CA VAL D 78 -1.12 -15.34 16.95
C VAL D 78 -0.21 -16.09 17.76
N TYR D 79 -0.52 -17.42 18.02
CA TYR D 79 0.11 -18.00 19.26
C TYR D 79 0.76 -19.19 18.68
N LEU D 80 1.85 -19.65 19.44
CA LEU D 80 2.38 -20.84 18.68
C LEU D 80 2.41 -21.75 19.81
N GLN D 81 1.54 -22.77 19.89
CA GLN D 81 1.43 -23.42 21.29
C GLN D 81 2.11 -24.79 21.47
N MET D 82 3.31 -24.66 21.80
CA MET D 82 4.33 -25.50 21.30
C MET D 82 4.30 -26.30 22.63
N ASN D 83 3.62 -27.44 22.59
CA ASN D 83 3.31 -28.26 23.70
C ASN D 83 4.44 -29.23 23.69
N SER D 84 5.38 -29.17 22.82
CA SER D 84 6.30 -30.30 22.93
C SER D 84 7.60 -29.82 22.36
N LEU D 85 8.65 -30.09 23.22
CA LEU D 85 9.98 -29.65 22.95
C LEU D 85 10.77 -30.92 22.80
N ARG D 86 11.99 -30.80 22.14
CA ARG D 86 13.20 -31.66 22.04
C ARG D 86 14.36 -30.74 21.69
N PRO D 87 15.66 -31.07 21.94
CA PRO D 87 16.68 -30.06 21.84
C PRO D 87 16.87 -29.58 20.43
N GLU D 88 16.34 -30.45 19.46
CA GLU D 88 16.31 -30.16 18.00
C GLU D 88 15.83 -28.75 17.63
N ASP D 89 15.08 -28.24 18.56
CA ASP D 89 14.08 -27.26 18.37
C ASP D 89 14.60 -26.01 18.93
N THR D 90 15.82 -25.86 19.34
CA THR D 90 16.12 -24.42 19.79
C THR D 90 16.40 -23.64 18.51
N ALA D 91 15.60 -22.64 18.28
CA ALA D 91 15.65 -21.69 17.15
C ALA D 91 14.76 -20.50 17.48
N ALA D 92 15.31 -19.49 16.73
CA ALA D 92 14.91 -18.11 16.91
C ALA D 92 13.70 -18.28 16.14
N TYR D 93 12.62 -17.83 16.76
CA TYR D 93 11.40 -18.14 16.08
C TYR D 93 10.92 -16.85 15.62
N TYR D 94 10.77 -16.60 14.29
CA TYR D 94 10.18 -15.27 14.03
C TYR D 94 8.81 -15.23 13.30
N CYS D 95 7.96 -14.25 13.48
CA CYS D 95 6.63 -14.42 12.95
C CYS D 95 6.48 -13.45 11.84
N ARG D 96 5.55 -13.52 10.92
CA ARG D 96 5.86 -13.34 9.51
C ARG D 96 4.67 -12.94 9.04
N ALA D 97 4.51 -12.25 8.13
CA ALA D 97 3.06 -11.84 8.10
C ALA D 97 2.66 -11.30 6.73
N LEU D 98 1.97 -12.04 5.90
CA LEU D 98 2.49 -12.17 4.54
C LEU D 98 1.36 -11.87 3.77
N SER D 99 1.35 -10.97 2.99
CA SER D 99 0.10 -10.39 2.50
C SER D 99 -0.05 -10.37 1.02
N ARG D 100 -0.99 -10.79 0.35
CA ARG D 100 -0.50 -10.63 -0.97
C ARG D 100 -0.29 -9.12 -1.26
N ILE D 101 -0.89 -7.94 -0.70
CA ILE D 101 -0.43 -6.51 -1.16
C ILE D 101 0.90 -6.21 -0.47
N TRP D 102 1.56 -5.22 -0.96
CA TRP D 102 3.05 -5.21 -0.98
C TRP D 102 3.43 -4.43 0.23
N PRO D 103 4.59 -4.53 0.68
CA PRO D 103 5.35 -5.51 0.25
C PRO D 103 4.62 -6.71 0.97
N TYR D 104 4.71 -7.69 0.05
CA TYR D 104 4.34 -8.95 0.49
C TYR D 104 4.99 -9.40 1.92
N ASP D 105 6.30 -9.42 2.18
CA ASP D 105 6.30 -9.76 3.53
C ASP D 105 6.38 -8.57 4.50
N TYR D 106 6.15 -8.72 5.85
CA TYR D 106 6.75 -8.07 7.03
C TYR D 106 7.28 -9.22 7.77
N TRP D 107 7.89 -8.84 8.71
CA TRP D 107 8.53 -9.76 9.50
C TRP D 107 8.67 -8.99 10.79
N GLY D 108 9.30 -9.63 11.82
CA GLY D 108 9.15 -9.03 13.14
C GLY D 108 10.45 -9.25 13.71
N GLN D 109 10.65 -8.60 14.85
CA GLN D 109 11.85 -8.58 15.65
C GLN D 109 12.43 -9.97 15.74
N GLY D 110 11.57 -11.01 16.18
CA GLY D 110 12.09 -12.30 16.66
C GLY D 110 12.30 -12.51 18.15
N THR D 111 12.33 -13.81 18.53
CA THR D 111 12.42 -14.25 19.92
C THR D 111 13.31 -15.33 19.94
N LEU D 112 14.14 -15.51 20.98
CA LEU D 112 14.71 -16.82 21.04
C LEU D 112 13.67 -17.81 21.70
N VAL D 113 13.31 -19.04 21.17
CA VAL D 113 13.25 -20.24 22.13
C VAL D 113 14.47 -21.15 22.41
N THR D 114 14.84 -21.13 23.55
CA THR D 114 15.94 -21.93 23.78
C THR D 114 15.55 -23.22 24.61
N VAL D 115 15.87 -24.34 24.11
CA VAL D 115 15.66 -25.54 24.92
C VAL D 115 16.89 -26.04 25.48
N SER D 116 17.06 -25.91 26.80
CA SER D 116 18.17 -26.64 27.48
C SER D 116 17.80 -27.99 28.18
N SER D 117 18.39 -29.11 28.01
CA SER D 117 18.20 -30.25 28.87
C SER D 117 18.82 -30.00 30.27
#